data_1O9O
#
_entry.id   1O9O
#
_cell.length_a   103.770
_cell.length_b   95.138
_cell.length_c   75.057
_cell.angle_alpha   90.00
_cell.angle_beta   90.00
_cell.angle_gamma   90.00
#
_symmetry.space_group_name_H-M   'P 21 21 2'
#
loop_
_entity.id
_entity.type
_entity.pdbx_description
1 polymer 'MALONAMIDASE E2'
2 non-polymer '3-AMINO-3-OXOPROPANOIC ACID'
3 water water
#
_entity_poly.entity_id   1
_entity_poly.type   'polypeptide(L)'
_entity_poly.pdbx_seq_one_letter_code
;MISLADLQRRIETGELSPNAAIAQSHAAIEAREKEVHAFVRHDKSARAQASGPLRGIAVGIKDIIDTANMPTEMGSEIYR
GWQPRSDAPVVMMLKRAGATIIGKTTTTAFASRDPTATLNPHNTGHSPGGASSGSAAAVGAGMIPLALGTQTGGSVIRPA
AYCGTAAIKPSFRMLPTVGVKCYSWALDTVGLFGARAEDLARGLLAMTGRSEFSGIVPAKAPRIGVVRQEFAGAVEPAAE
QGLQAAIKAAERAGASVQAIDLPEAVHEAWRIHPIIQDFEAHRALAWEFSEHHDEIAPMLRASLDATVGLTPKEYDEARR
IGRRGRRELGEVFEGVDVLLTYSAPGTAPAKALASTGDPRYNRLWTLMGNPCVNVPVLKVGGLPIGVQVIARFGNDAHAL
ATAWFLEDALAKSG
;
_entity_poly.pdbx_strand_id   A,B
#
loop_
_chem_comp.id
_chem_comp.type
_chem_comp.name
_chem_comp.formula
MLM non-polymer '3-AMINO-3-OXOPROPANOIC ACID' 'C3 H5 N O3'
#
# COMPACT_ATOMS: atom_id res chain seq x y z
N MET A 1 -15.88 13.53 27.33
CA MET A 1 -15.74 13.24 25.88
C MET A 1 -17.06 13.45 25.11
N ILE A 2 -16.94 13.64 23.80
CA ILE A 2 -18.10 13.87 22.96
C ILE A 2 -18.47 12.59 22.20
N SER A 3 -19.72 12.14 22.36
CA SER A 3 -20.18 10.95 21.67
C SER A 3 -20.70 11.24 20.26
N LEU A 4 -20.12 10.56 19.28
CA LEU A 4 -20.53 10.74 17.89
C LEU A 4 -21.97 10.27 17.72
N ALA A 5 -22.26 9.07 18.18
CA ALA A 5 -23.61 8.51 18.08
C ALA A 5 -24.62 9.43 18.73
N ASP A 6 -24.29 9.99 19.89
CA ASP A 6 -25.19 10.90 20.58
C ASP A 6 -25.47 12.09 19.67
N LEU A 7 -24.42 12.69 19.13
CA LEU A 7 -24.57 13.81 18.22
C LEU A 7 -25.44 13.39 17.05
N GLN A 8 -25.13 12.23 16.45
CA GLN A 8 -25.90 11.70 15.33
C GLN A 8 -27.39 11.66 15.63
N ARG A 9 -27.75 10.93 16.67
CA ARG A 9 -29.16 10.80 17.06
C ARG A 9 -29.84 12.13 17.29
N ARG A 10 -29.21 13.00 18.06
CA ARG A 10 -29.79 14.31 18.34
C ARG A 10 -29.96 15.16 17.09
N ILE A 11 -28.98 15.11 16.19
CA ILE A 11 -29.06 15.88 14.96
C ILE A 11 -30.14 15.28 14.06
N GLU A 12 -30.27 13.95 14.10
CA GLU A 12 -31.25 13.27 13.27
C GLU A 12 -32.68 13.66 13.66
N THR A 13 -32.93 13.81 14.95
CA THR A 13 -34.26 14.18 15.43
C THR A 13 -34.41 15.69 15.61
N GLY A 14 -33.68 16.45 14.82
CA GLY A 14 -33.75 17.90 14.91
C GLY A 14 -33.65 18.43 16.33
N GLU A 15 -33.04 17.64 17.21
CA GLU A 15 -32.88 18.03 18.61
C GLU A 15 -31.64 18.93 18.70
N LEU A 16 -30.67 18.66 17.83
CA LEU A 16 -29.44 19.44 17.78
C LEU A 16 -29.11 19.78 16.33
N SER A 17 -28.63 21.00 16.10
CA SER A 17 -28.27 21.42 14.74
C SER A 17 -26.79 21.20 14.44
N PRO A 18 -26.47 20.83 13.20
CA PRO A 18 -25.10 20.58 12.77
C PRO A 18 -24.15 21.74 13.06
N ASN A 19 -24.59 22.96 12.75
CA ASN A 19 -23.77 24.15 12.98
C ASN A 19 -23.47 24.29 14.47
N ALA A 20 -24.45 23.91 15.28
CA ALA A 20 -24.31 23.98 16.72
C ALA A 20 -23.25 22.99 17.18
N ALA A 21 -23.38 21.76 16.67
CA ALA A 21 -22.45 20.68 16.99
C ALA A 21 -21.03 21.09 16.68
N ILE A 22 -20.82 21.62 15.49
CA ILE A 22 -19.49 22.04 15.06
C ILE A 22 -18.94 23.19 15.90
N ALA A 23 -19.78 24.20 16.14
CA ALA A 23 -19.38 25.36 16.93
C ALA A 23 -18.93 24.95 18.32
N GLN A 24 -19.51 23.87 18.83
CA GLN A 24 -19.15 23.35 20.16
C GLN A 24 -17.74 22.78 20.17
N SER A 25 -17.35 22.12 19.08
CA SER A 25 -16.02 21.56 18.98
C SER A 25 -14.99 22.67 18.92
N HIS A 26 -15.28 23.69 18.11
CA HIS A 26 -14.37 24.83 17.97
C HIS A 26 -14.13 25.43 19.34
N ALA A 27 -15.18 25.44 20.16
CA ALA A 27 -15.10 25.98 21.51
C ALA A 27 -14.28 25.03 22.38
N ALA A 28 -14.65 23.75 22.34
CA ALA A 28 -13.98 22.71 23.11
C ALA A 28 -12.48 22.72 22.86
N ILE A 29 -12.09 22.90 21.61
CA ILE A 29 -10.69 22.93 21.24
C ILE A 29 -9.98 24.14 21.88
N GLU A 30 -10.41 25.35 21.51
CA GLU A 30 -9.81 26.56 22.04
C GLU A 30 -9.80 26.50 23.56
N ALA A 31 -10.90 26.00 24.12
CA ALA A 31 -11.04 25.88 25.57
C ALA A 31 -9.86 25.16 26.24
N ARG A 32 -9.23 24.21 25.54
CA ARG A 32 -8.14 23.47 26.16
C ARG A 32 -6.84 23.29 25.38
N GLU A 33 -6.76 23.84 24.17
CA GLU A 33 -5.54 23.69 23.38
C GLU A 33 -4.25 24.19 24.00
N LYS A 34 -4.30 25.34 24.67
CA LYS A 34 -3.10 25.90 25.31
C LYS A 34 -2.66 25.02 26.47
N GLU A 35 -3.46 24.00 26.76
CA GLU A 35 -3.16 23.08 27.85
C GLU A 35 -2.75 21.71 27.33
N VAL A 36 -3.40 21.25 26.26
CA VAL A 36 -3.13 19.93 25.70
C VAL A 36 -2.20 19.92 24.48
N HIS A 37 -2.36 20.90 23.58
CA HIS A 37 -1.53 21.00 22.38
C HIS A 37 -1.75 19.75 21.52
N ALA A 38 -3.02 19.47 21.24
CA ALA A 38 -3.38 18.30 20.45
C ALA A 38 -3.39 18.55 18.94
N PHE A 39 -3.53 19.80 18.55
CA PHE A 39 -3.58 20.15 17.13
C PHE A 39 -2.34 20.84 16.57
N VAL A 40 -1.96 20.43 15.35
CA VAL A 40 -0.81 21.03 14.68
C VAL A 40 -1.38 22.32 14.11
N ARG A 41 -2.63 22.23 13.67
CA ARG A 41 -3.36 23.36 13.10
C ARG A 41 -4.85 23.11 13.23
N HIS A 42 -5.56 24.16 13.61
CA HIS A 42 -7.00 24.13 13.81
C HIS A 42 -7.64 25.10 12.82
N ASP A 43 -8.47 24.57 11.92
CA ASP A 43 -9.15 25.40 10.94
C ASP A 43 -10.42 25.95 11.57
N LYS A 44 -10.32 27.14 12.16
CA LYS A 44 -11.44 27.77 12.83
C LYS A 44 -12.63 28.10 11.94
N SER A 45 -12.42 28.12 10.63
CA SER A 45 -13.51 28.42 9.71
C SER A 45 -14.29 27.19 9.26
N ALA A 46 -13.87 26.01 9.70
CA ALA A 46 -14.55 24.77 9.33
C ALA A 46 -16.01 24.80 9.74
N ARG A 47 -16.91 24.43 8.83
CA ARG A 47 -18.33 24.43 9.11
C ARG A 47 -19.02 23.11 8.78
N ALA A 48 -20.17 22.88 9.41
CA ALA A 48 -20.95 21.67 9.19
C ALA A 48 -21.35 21.53 7.72
N GLN A 49 -21.57 20.28 7.29
CA GLN A 49 -22.00 20.04 5.92
C GLN A 49 -23.51 19.91 5.92
N ALA A 50 -24.13 20.08 4.75
CA ALA A 50 -25.58 20.02 4.62
C ALA A 50 -26.21 18.64 4.81
N SER A 51 -25.66 17.62 4.17
CA SER A 51 -26.24 16.28 4.28
C SER A 51 -25.26 15.19 4.66
N GLY A 52 -25.77 14.01 4.94
CA GLY A 52 -24.92 12.89 5.31
C GLY A 52 -24.96 12.51 6.77
N PRO A 53 -24.79 11.21 7.07
CA PRO A 53 -24.81 10.71 8.45
C PRO A 53 -23.79 11.38 9.36
N LEU A 54 -22.73 11.93 8.79
CA LEU A 54 -21.72 12.60 9.60
C LEU A 54 -21.80 14.12 9.58
N ARG A 55 -22.94 14.68 9.19
CA ARG A 55 -23.05 16.13 9.17
C ARG A 55 -23.05 16.62 10.62
N GLY A 56 -22.25 17.65 10.91
CA GLY A 56 -22.17 18.18 12.25
C GLY A 56 -21.12 17.46 13.09
N ILE A 57 -20.47 16.46 12.51
CA ILE A 57 -19.43 15.69 13.18
C ILE A 57 -18.06 16.27 12.88
N ALA A 58 -17.40 16.83 13.89
CA ALA A 58 -16.07 17.40 13.70
C ALA A 58 -15.04 16.28 13.83
N VAL A 59 -14.09 16.23 12.89
CA VAL A 59 -13.08 15.18 12.91
C VAL A 59 -11.63 15.67 12.84
N GLY A 60 -10.79 15.06 13.67
CA GLY A 60 -9.38 15.39 13.70
C GLY A 60 -8.61 14.38 12.87
N ILE A 61 -7.63 14.86 12.11
CA ILE A 61 -6.84 13.97 11.24
C ILE A 61 -5.35 14.01 11.57
N LYS A 62 -4.78 12.86 11.96
CA LYS A 62 -3.36 12.75 12.28
C LYS A 62 -2.57 13.35 11.13
N ASP A 63 -1.56 14.16 11.43
CA ASP A 63 -0.81 14.84 10.38
C ASP A 63 0.15 14.10 9.46
N ILE A 64 -0.10 12.81 9.22
CA ILE A 64 0.70 12.06 8.26
C ILE A 64 -0.31 11.66 7.18
N ILE A 65 -1.55 12.09 7.39
CA ILE A 65 -2.67 11.82 6.48
C ILE A 65 -2.96 13.09 5.66
N ASP A 66 -2.78 12.99 4.34
CA ASP A 66 -2.97 14.11 3.41
C ASP A 66 -4.30 14.85 3.41
N THR A 67 -4.20 16.18 3.42
CA THR A 67 -5.36 17.06 3.34
C THR A 67 -5.00 18.06 2.26
N ALA A 68 -5.94 18.34 1.37
CA ALA A 68 -5.71 19.26 0.27
C ALA A 68 -5.81 20.73 0.66
N ASN A 69 -6.56 21.02 1.71
CA ASN A 69 -6.77 22.39 2.20
C ASN A 69 -5.92 22.79 3.40
N MET A 70 -5.15 21.85 3.93
CA MET A 70 -4.31 22.12 5.08
C MET A 70 -2.99 21.38 4.92
N PRO A 71 -1.91 21.94 5.46
CA PRO A 71 -0.61 21.29 5.35
C PRO A 71 -0.64 19.94 6.06
N THR A 72 0.26 19.05 5.63
CA THR A 72 0.40 17.74 6.24
C THR A 72 1.91 17.71 6.47
N GLU A 73 2.31 18.05 7.69
CA GLU A 73 3.73 18.14 8.02
C GLU A 73 4.45 16.92 8.54
N MET A 74 3.75 15.80 8.65
CA MET A 74 4.36 14.55 9.08
C MET A 74 5.07 14.58 10.43
N GLY A 75 4.91 15.67 11.17
CA GLY A 75 5.58 15.78 12.47
C GLY A 75 7.07 16.02 12.31
N SER A 76 7.49 16.40 11.10
CA SER A 76 8.91 16.64 10.82
C SER A 76 9.15 18.03 10.23
N GLU A 77 10.33 18.59 10.50
CA GLU A 77 10.69 19.90 9.97
C GLU A 77 10.90 19.72 8.47
N ILE A 78 11.27 18.50 8.11
CA ILE A 78 11.52 18.15 6.72
C ILE A 78 10.30 18.45 5.86
N TYR A 79 9.11 18.38 6.46
CA TYR A 79 7.86 18.64 5.76
C TYR A 79 7.12 19.87 6.24
N ARG A 80 7.83 20.80 6.85
CA ARG A 80 7.23 22.03 7.33
C ARG A 80 6.60 22.76 6.14
N GLY A 81 5.32 23.09 6.28
CA GLY A 81 4.62 23.78 5.22
C GLY A 81 4.29 22.92 4.01
N TRP A 82 4.49 21.61 4.11
CA TRP A 82 4.19 20.73 2.98
C TRP A 82 2.69 20.70 2.76
N GLN A 83 2.27 20.93 1.52
CA GLN A 83 0.85 20.94 1.20
C GLN A 83 0.51 19.94 0.09
N PRO A 84 -0.17 18.84 0.46
CA PRO A 84 -0.57 17.82 -0.52
C PRO A 84 -1.56 18.43 -1.50
N ARG A 85 -1.60 17.89 -2.72
CA ARG A 85 -2.52 18.40 -3.72
C ARG A 85 -3.94 17.89 -3.47
N SER A 86 -4.05 16.67 -2.94
CA SER A 86 -5.34 16.06 -2.69
C SER A 86 -5.59 15.59 -1.26
N ASP A 87 -6.83 15.19 -1.01
CA ASP A 87 -7.22 14.66 0.31
C ASP A 87 -6.97 13.17 0.26
N ALA A 88 -6.52 12.61 1.38
CA ALA A 88 -6.29 11.18 1.44
C ALA A 88 -7.64 10.49 1.26
N PRO A 89 -7.66 9.30 0.65
CA PRO A 89 -8.94 8.62 0.45
C PRO A 89 -9.78 8.47 1.73
N VAL A 90 -9.14 8.24 2.87
CA VAL A 90 -9.91 8.10 4.12
C VAL A 90 -10.52 9.44 4.51
N VAL A 91 -9.85 10.54 4.17
CA VAL A 91 -10.37 11.88 4.45
C VAL A 91 -11.58 12.10 3.56
N MET A 92 -11.53 11.55 2.35
CA MET A 92 -12.63 11.68 1.41
C MET A 92 -13.82 10.84 1.87
N MET A 93 -13.54 9.74 2.56
CA MET A 93 -14.62 8.89 3.06
C MET A 93 -15.42 9.64 4.11
N LEU A 94 -14.73 10.46 4.90
CA LEU A 94 -15.36 11.25 5.94
C LEU A 94 -16.09 12.44 5.31
N LYS A 95 -15.43 13.13 4.39
CA LYS A 95 -16.03 14.30 3.72
C LYS A 95 -17.27 13.91 2.92
N ARG A 96 -17.20 12.77 2.26
CA ARG A 96 -18.33 12.29 1.46
C ARG A 96 -19.51 11.97 2.37
N ALA A 97 -19.21 11.52 3.59
CA ALA A 97 -20.24 11.16 4.56
C ALA A 97 -20.85 12.39 5.22
N GLY A 98 -20.26 13.55 4.95
CA GLY A 98 -20.78 14.78 5.52
C GLY A 98 -19.97 15.35 6.66
N ALA A 99 -18.86 14.71 6.99
CA ALA A 99 -18.00 15.15 8.09
C ALA A 99 -17.36 16.52 7.89
N THR A 100 -16.85 17.08 8.98
CA THR A 100 -16.18 18.38 8.98
C THR A 100 -14.74 18.16 9.42
N ILE A 101 -13.79 18.39 8.53
CA ILE A 101 -12.38 18.23 8.89
C ILE A 101 -11.96 19.47 9.66
N ILE A 102 -12.04 19.39 10.99
CA ILE A 102 -11.74 20.52 11.85
C ILE A 102 -10.28 20.88 12.05
N GLY A 103 -9.37 19.99 11.63
CA GLY A 103 -7.95 20.28 11.78
C GLY A 103 -7.04 19.07 11.69
N LYS A 104 -5.74 19.30 11.81
CA LYS A 104 -4.74 18.22 11.75
C LYS A 104 -4.18 18.03 13.16
N THR A 105 -4.28 16.82 13.68
CA THR A 105 -3.78 16.54 15.03
C THR A 105 -2.30 16.16 15.00
N THR A 106 -1.58 16.46 16.07
CA THR A 106 -0.15 16.17 16.18
C THR A 106 0.19 14.71 15.98
N THR A 107 1.42 14.49 15.53
CA THR A 107 1.94 13.13 15.31
C THR A 107 3.45 13.12 15.54
N THR A 108 3.97 12.00 16.06
CA THR A 108 5.40 11.91 16.28
C THR A 108 6.01 11.98 14.87
N ALA A 109 7.26 12.43 14.77
CA ALA A 109 7.90 12.54 13.48
C ALA A 109 7.80 11.20 12.74
N PHE A 110 7.15 11.22 11.58
CA PHE A 110 6.97 10.01 10.77
C PHE A 110 6.32 8.87 11.54
N ALA A 111 5.45 9.24 12.47
CA ALA A 111 4.71 8.27 13.28
C ALA A 111 5.60 7.28 14.02
N SER A 112 6.75 7.74 14.51
CA SER A 112 7.64 6.83 15.23
C SER A 112 7.68 7.07 16.75
N ARG A 113 8.87 7.03 17.33
CA ARG A 113 9.02 7.18 18.78
C ARG A 113 9.21 8.59 19.35
N ASP A 114 9.70 9.52 18.53
CA ASP A 114 9.98 10.89 18.99
C ASP A 114 8.78 11.68 19.48
N PRO A 115 8.71 11.90 20.81
CA PRO A 115 7.64 12.64 21.48
C PRO A 115 7.31 14.01 20.92
N THR A 116 6.02 14.36 20.98
CA THR A 116 5.56 15.65 20.51
C THR A 116 5.36 16.51 21.75
N ALA A 117 4.76 17.69 21.58
CA ALA A 117 4.51 18.58 22.71
C ALA A 117 3.17 18.28 23.36
N THR A 118 2.38 17.43 22.70
CA THR A 118 1.05 17.07 23.20
C THR A 118 1.12 16.47 24.62
N LEU A 119 0.15 16.85 25.44
CA LEU A 119 0.08 16.39 26.83
C LEU A 119 -1.20 15.57 27.05
N ASN A 120 -1.22 14.77 28.13
CA ASN A 120 -2.39 13.95 28.44
C ASN A 120 -3.48 14.79 29.10
N PRO A 121 -4.71 14.73 28.56
CA PRO A 121 -5.85 15.48 29.10
C PRO A 121 -6.06 15.20 30.58
N HIS A 122 -5.92 13.92 30.95
CA HIS A 122 -6.10 13.46 32.32
C HIS A 122 -5.01 13.93 33.27
N ASN A 123 -3.87 14.36 32.72
CA ASN A 123 -2.77 14.80 33.54
C ASN A 123 -1.67 15.44 32.69
N THR A 124 -1.70 16.76 32.61
CA THR A 124 -0.76 17.52 31.82
C THR A 124 0.72 17.19 32.04
N GLY A 125 1.03 16.46 33.11
CA GLY A 125 2.41 16.10 33.37
C GLY A 125 2.78 14.74 32.80
N HIS A 126 1.86 14.15 32.05
CA HIS A 126 2.07 12.84 31.45
C HIS A 126 1.93 12.84 29.93
N SER A 127 2.49 11.81 29.31
CA SER A 127 2.42 11.67 27.87
C SER A 127 1.05 11.12 27.48
N PRO A 128 0.55 11.47 26.28
CA PRO A 128 -0.75 11.02 25.77
C PRO A 128 -0.55 9.74 24.96
N GLY A 129 0.70 9.29 24.89
CA GLY A 129 1.02 8.11 24.11
C GLY A 129 1.43 8.53 22.71
N GLY A 130 1.72 7.56 21.86
CA GLY A 130 2.11 7.86 20.49
C GLY A 130 1.80 6.66 19.60
N ALA A 131 1.93 6.80 18.29
CA ALA A 131 2.33 8.03 17.62
C ALA A 131 1.14 8.95 17.34
N SER A 132 -0.07 8.44 17.48
CA SER A 132 -1.27 9.24 17.23
C SER A 132 -1.61 10.12 18.44
N SER A 133 -0.56 10.74 19.00
CA SER A 133 -0.67 11.60 20.17
C SER A 133 -1.82 12.62 20.17
N GLY A 134 -1.91 13.42 19.12
CA GLY A 134 -2.96 14.42 19.05
C GLY A 134 -4.38 13.90 18.91
N SER A 135 -4.57 12.88 18.10
CA SER A 135 -5.90 12.33 17.91
C SER A 135 -6.45 11.78 19.21
N ALA A 136 -5.65 11.01 19.92
CA ALA A 136 -6.04 10.42 21.20
C ALA A 136 -6.30 11.51 22.24
N ALA A 137 -5.33 12.42 22.40
CA ALA A 137 -5.45 13.51 23.36
C ALA A 137 -6.67 14.39 23.11
N ALA A 138 -6.88 14.77 21.85
CA ALA A 138 -8.01 15.63 21.49
C ALA A 138 -9.37 14.99 21.76
N VAL A 139 -9.51 13.70 21.44
CA VAL A 139 -10.77 13.00 21.68
C VAL A 139 -10.92 12.79 23.18
N GLY A 140 -9.80 12.60 23.86
CA GLY A 140 -9.82 12.39 25.29
C GLY A 140 -10.11 13.67 26.07
N ALA A 141 -9.80 14.81 25.44
CA ALA A 141 -10.03 16.11 26.08
C ALA A 141 -11.41 16.64 25.75
N GLY A 142 -12.20 15.82 25.07
CA GLY A 142 -13.55 16.22 24.69
C GLY A 142 -13.57 17.32 23.65
N MET A 143 -12.52 17.41 22.85
CA MET A 143 -12.45 18.43 21.81
C MET A 143 -13.23 18.03 20.55
N ILE A 144 -13.16 16.75 20.20
CA ILE A 144 -13.85 16.24 19.01
C ILE A 144 -14.48 14.85 19.22
N PRO A 145 -15.57 14.56 18.50
CA PRO A 145 -16.27 13.27 18.60
C PRO A 145 -15.58 12.15 17.83
N LEU A 146 -14.63 12.51 16.98
CA LEU A 146 -13.92 11.51 16.19
C LEU A 146 -12.55 12.00 15.73
N ALA A 147 -11.64 11.07 15.53
CA ALA A 147 -10.28 11.36 15.09
C ALA A 147 -9.70 10.14 14.41
N LEU A 148 -8.86 10.37 13.41
CA LEU A 148 -8.20 9.27 12.71
C LEU A 148 -6.74 9.23 13.14
N GLY A 149 -6.19 8.03 13.18
CA GLY A 149 -4.79 7.84 13.54
C GLY A 149 -4.32 6.66 12.72
N THR A 150 -3.17 6.10 13.06
CA THR A 150 -2.68 4.94 12.33
C THR A 150 -1.88 4.06 13.28
N GLN A 151 -1.74 2.78 12.93
CA GLN A 151 -0.98 1.87 13.77
C GLN A 151 -0.04 0.98 12.98
N THR A 152 1.23 0.99 13.40
CA THR A 152 2.26 0.16 12.79
C THR A 152 2.71 -0.79 13.89
N GLY A 153 2.95 -0.21 15.06
CA GLY A 153 3.34 -0.97 16.24
C GLY A 153 2.14 -0.96 17.16
N GLY A 154 1.79 0.23 17.65
CA GLY A 154 0.63 0.36 18.52
C GLY A 154 0.16 1.80 18.67
N SER A 155 0.33 2.61 17.62
CA SER A 155 -0.06 4.01 17.68
C SER A 155 -1.54 4.33 17.76
N VAL A 156 -2.40 3.33 17.84
CA VAL A 156 -3.82 3.60 17.97
C VAL A 156 -4.31 3.08 19.31
N ILE A 157 -4.05 1.81 19.58
CA ILE A 157 -4.49 1.21 20.82
C ILE A 157 -3.82 1.82 22.06
N ARG A 158 -2.50 1.92 22.04
CA ARG A 158 -1.79 2.47 23.19
C ARG A 158 -2.24 3.88 23.61
N PRO A 159 -2.18 4.87 22.69
CA PRO A 159 -2.59 6.23 23.06
C PRO A 159 -4.06 6.37 23.50
N ALA A 160 -4.94 5.56 22.93
CA ALA A 160 -6.35 5.61 23.32
C ALA A 160 -6.47 5.12 24.76
N ALA A 161 -5.67 4.11 25.11
CA ALA A 161 -5.67 3.56 26.44
C ALA A 161 -5.13 4.60 27.41
N TYR A 162 -4.00 5.20 27.05
CA TYR A 162 -3.36 6.21 27.89
C TYR A 162 -4.29 7.41 28.15
N CYS A 163 -5.09 7.76 27.15
CA CYS A 163 -6.00 8.90 27.25
C CYS A 163 -7.43 8.53 27.62
N GLY A 164 -7.66 7.25 27.90
CA GLY A 164 -9.00 6.83 28.29
C GLY A 164 -10.10 6.98 27.25
N THR A 165 -9.77 6.73 25.98
CA THR A 165 -10.78 6.82 24.92
C THR A 165 -10.95 5.45 24.28
N ALA A 166 -12.07 5.26 23.61
CA ALA A 166 -12.33 4.03 22.90
C ALA A 166 -11.60 4.21 21.57
N ALA A 167 -11.20 3.12 20.97
CA ALA A 167 -10.49 3.21 19.69
C ALA A 167 -10.51 1.86 19.02
N ILE A 168 -10.25 1.86 17.71
CA ILE A 168 -10.22 0.61 16.98
C ILE A 168 -9.23 0.64 15.84
N LYS A 169 -8.57 -0.49 15.64
CA LYS A 169 -7.65 -0.68 14.54
C LYS A 169 -8.36 -1.74 13.71
N PRO A 170 -9.05 -1.33 12.65
CA PRO A 170 -9.76 -2.29 11.80
C PRO A 170 -8.84 -3.39 11.31
N SER A 171 -9.40 -4.33 10.56
CA SER A 171 -8.60 -5.41 10.01
C SER A 171 -7.68 -4.78 8.99
N PHE A 172 -6.47 -5.32 8.89
CA PHE A 172 -5.47 -4.82 7.96
C PHE A 172 -6.03 -4.59 6.55
N ARG A 173 -5.68 -3.46 5.95
CA ARG A 173 -6.10 -3.09 4.59
C ARG A 173 -7.59 -2.78 4.39
N MET A 174 -8.39 -2.84 5.45
CA MET A 174 -9.80 -2.54 5.27
C MET A 174 -9.89 -1.09 4.81
N LEU A 175 -9.25 -0.19 5.54
CA LEU A 175 -9.21 1.23 5.18
C LEU A 175 -7.92 1.45 4.40
N PRO A 176 -8.00 2.11 3.23
CA PRO A 176 -6.79 2.34 2.43
C PRO A 176 -5.77 3.26 3.10
N THR A 177 -4.48 2.95 2.91
CA THR A 177 -3.41 3.77 3.45
C THR A 177 -2.89 4.71 2.34
N VAL A 178 -3.70 4.89 1.31
CA VAL A 178 -3.35 5.80 0.21
C VAL A 178 -3.33 7.22 0.78
N GLY A 179 -2.25 7.95 0.53
CA GLY A 179 -2.16 9.30 1.05
C GLY A 179 -1.94 9.30 2.55
N VAL A 180 -1.28 8.25 3.06
CA VAL A 180 -0.97 8.14 4.48
C VAL A 180 0.53 7.79 4.55
N LYS A 181 1.34 8.74 5.03
CA LYS A 181 2.78 8.56 5.13
C LYS A 181 3.12 7.16 5.59
N CYS A 182 3.89 6.45 4.77
CA CYS A 182 4.26 5.08 5.09
C CYS A 182 5.44 4.90 6.03
N TYR A 183 5.28 3.99 6.97
CA TYR A 183 6.30 3.63 7.95
C TYR A 183 6.68 2.21 7.53
N SER A 184 5.68 1.32 7.49
CA SER A 184 5.86 -0.07 7.09
C SER A 184 4.56 -0.51 6.40
N TRP A 185 4.63 -0.78 5.10
CA TRP A 185 3.43 -1.15 4.33
C TRP A 185 2.81 -2.49 4.69
N ALA A 186 3.53 -3.31 5.44
CA ALA A 186 3.02 -4.60 5.83
C ALA A 186 2.25 -4.49 7.15
N LEU A 187 2.40 -3.34 7.82
CA LEU A 187 1.77 -3.10 9.11
C LEU A 187 0.81 -1.92 9.15
N ASP A 188 1.24 -0.78 8.61
CA ASP A 188 0.43 0.44 8.58
C ASP A 188 -1.04 0.14 8.40
N THR A 189 -1.85 0.61 9.35
CA THR A 189 -3.30 0.43 9.35
C THR A 189 -3.93 1.68 9.95
N VAL A 190 -4.95 2.21 9.29
CA VAL A 190 -5.66 3.40 9.77
C VAL A 190 -6.60 3.03 10.91
N GLY A 191 -6.76 3.94 11.87
CA GLY A 191 -7.64 3.69 13.00
C GLY A 191 -8.54 4.85 13.37
N LEU A 192 -9.51 4.57 14.24
CA LEU A 192 -10.44 5.57 14.70
C LEU A 192 -10.43 5.73 16.21
N PHE A 193 -10.66 6.96 16.66
CA PHE A 193 -10.72 7.26 18.08
C PHE A 193 -12.10 7.84 18.33
N GLY A 194 -12.79 7.32 19.34
CA GLY A 194 -14.11 7.81 19.68
C GLY A 194 -14.28 7.78 21.18
N ALA A 195 -15.49 8.09 21.66
CA ALA A 195 -15.74 8.07 23.09
C ALA A 195 -16.10 6.65 23.53
N ARG A 196 -16.92 5.97 22.74
CA ARG A 196 -17.32 4.61 23.06
C ARG A 196 -17.29 3.71 21.83
N ALA A 197 -17.43 2.42 22.05
CA ALA A 197 -17.40 1.45 20.96
C ALA A 197 -18.45 1.81 19.91
N GLU A 198 -19.66 2.12 20.36
CA GLU A 198 -20.75 2.50 19.47
C GLU A 198 -20.39 3.66 18.55
N ASP A 199 -19.55 4.57 19.04
CA ASP A 199 -19.13 5.72 18.25
C ASP A 199 -18.22 5.28 17.11
N LEU A 200 -17.33 4.34 17.39
CA LEU A 200 -16.43 3.84 16.35
C LEU A 200 -17.26 3.15 15.28
N ALA A 201 -18.24 2.35 15.71
CA ALA A 201 -19.10 1.61 14.79
C ALA A 201 -19.74 2.54 13.76
N ARG A 202 -20.44 3.57 14.25
CA ARG A 202 -21.12 4.52 13.38
C ARG A 202 -20.16 5.28 12.49
N GLY A 203 -18.91 5.39 12.93
CA GLY A 203 -17.91 6.08 12.14
C GLY A 203 -17.48 5.21 10.98
N LEU A 204 -17.27 3.92 11.23
CA LEU A 204 -16.86 3.01 10.18
C LEU A 204 -18.01 2.83 9.18
N LEU A 205 -19.23 2.74 9.68
CA LEU A 205 -20.39 2.59 8.81
C LEU A 205 -20.37 3.76 7.80
N ALA A 206 -20.37 4.98 8.33
CA ALA A 206 -20.37 6.18 7.50
C ALA A 206 -19.23 6.22 6.49
N MET A 207 -18.03 5.81 6.93
CA MET A 207 -16.85 5.82 6.06
C MET A 207 -16.84 4.74 4.98
N THR A 208 -17.38 3.57 5.30
CA THR A 208 -17.36 2.45 4.36
C THR A 208 -18.71 2.02 3.78
N GLY A 209 -19.77 2.18 4.56
CA GLY A 209 -21.08 1.78 4.08
C GLY A 209 -21.23 0.26 4.13
N ARG A 210 -20.35 -0.38 4.88
CA ARG A 210 -20.38 -1.83 5.03
C ARG A 210 -21.51 -2.14 6.00
N SER A 211 -22.43 -3.00 5.57
CA SER A 211 -23.59 -3.35 6.38
C SER A 211 -23.26 -3.95 7.74
N GLU A 212 -22.17 -4.70 7.82
CA GLU A 212 -21.77 -5.32 9.08
C GLU A 212 -21.54 -4.31 10.20
N PHE A 213 -21.42 -3.03 9.83
CA PHE A 213 -21.22 -1.99 10.83
C PHE A 213 -22.56 -1.31 11.12
N SER A 214 -23.62 -1.83 10.51
CA SER A 214 -24.95 -1.26 10.70
C SER A 214 -25.79 -2.01 11.73
N GLY A 215 -26.38 -1.25 12.65
CA GLY A 215 -27.22 -1.84 13.67
C GLY A 215 -26.49 -2.77 14.61
N ILE A 216 -25.20 -2.50 14.85
CA ILE A 216 -24.43 -3.33 15.75
C ILE A 216 -25.02 -3.15 17.16
N VAL A 217 -25.12 -4.24 17.90
CA VAL A 217 -25.68 -4.23 19.24
C VAL A 217 -24.73 -4.97 20.18
N PRO A 218 -24.67 -4.55 21.46
CA PRO A 218 -23.77 -5.22 22.42
C PRO A 218 -23.83 -6.74 22.29
N ALA A 219 -22.69 -7.39 22.47
CA ALA A 219 -22.60 -8.84 22.39
C ALA A 219 -23.27 -9.49 23.60
N LYS A 220 -23.83 -10.68 23.39
CA LYS A 220 -24.49 -11.42 24.46
C LYS A 220 -23.71 -12.65 24.88
N ALA A 221 -23.31 -12.68 26.14
CA ALA A 221 -22.56 -13.80 26.70
C ALA A 221 -21.41 -14.21 25.77
N PRO A 222 -20.46 -13.30 25.56
CA PRO A 222 -19.32 -13.61 24.69
C PRO A 222 -18.43 -14.71 25.26
N ARG A 223 -17.72 -15.38 24.37
CA ARG A 223 -16.78 -16.42 24.75
C ARG A 223 -15.44 -15.70 24.64
N ILE A 224 -14.81 -15.44 25.79
CA ILE A 224 -13.55 -14.69 25.82
C ILE A 224 -12.33 -15.50 26.25
N GLY A 225 -11.24 -15.34 25.50
CA GLY A 225 -9.99 -16.02 25.82
C GLY A 225 -8.98 -14.98 26.28
N VAL A 226 -8.51 -15.10 27.52
CA VAL A 226 -7.54 -14.14 28.05
C VAL A 226 -6.09 -14.52 27.83
N VAL A 227 -5.37 -13.64 27.12
CA VAL A 227 -3.97 -13.87 26.85
C VAL A 227 -3.18 -12.69 27.42
N ARG A 228 -2.22 -12.99 28.28
CA ARG A 228 -1.40 -11.96 28.91
C ARG A 228 -0.10 -11.65 28.18
N GLN A 229 0.05 -12.21 26.98
CA GLN A 229 1.25 -11.99 26.18
C GLN A 229 2.51 -12.07 27.03
N GLU A 230 2.77 -13.25 27.58
CA GLU A 230 3.93 -13.48 28.43
C GLU A 230 5.22 -13.16 27.72
N PHE A 231 5.25 -13.42 26.42
CA PHE A 231 6.43 -13.17 25.61
C PHE A 231 6.85 -11.71 25.51
N ALA A 232 5.90 -10.81 25.80
CA ALA A 232 6.18 -9.38 25.74
C ALA A 232 6.90 -8.89 26.98
N GLY A 233 6.99 -9.73 27.99
CA GLY A 233 7.67 -9.34 29.20
C GLY A 233 6.75 -9.09 30.38
N ALA A 234 7.31 -8.52 31.44
CA ALA A 234 6.57 -8.21 32.65
C ALA A 234 5.68 -6.98 32.47
N VAL A 235 4.40 -7.14 32.78
CA VAL A 235 3.46 -6.04 32.68
C VAL A 235 3.46 -5.25 34.00
N GLU A 236 3.01 -4.01 33.95
CA GLU A 236 2.95 -3.18 35.16
C GLU A 236 1.66 -3.49 35.93
N PRO A 237 1.72 -3.44 37.27
CA PRO A 237 0.56 -3.73 38.11
C PRO A 237 -0.77 -3.09 37.63
N ALA A 238 -0.75 -1.78 37.41
CA ALA A 238 -1.95 -1.06 36.98
C ALA A 238 -2.61 -1.70 35.76
N ALA A 239 -1.82 -2.17 34.80
CA ALA A 239 -2.35 -2.82 33.61
C ALA A 239 -3.07 -4.11 33.99
N GLU A 240 -2.49 -4.86 34.92
CA GLU A 240 -3.09 -6.11 35.39
C GLU A 240 -4.37 -5.84 36.18
N GLN A 241 -4.38 -4.75 36.94
CA GLN A 241 -5.56 -4.36 37.72
C GLN A 241 -6.74 -4.16 36.77
N GLY A 242 -6.48 -3.51 35.64
CA GLY A 242 -7.53 -3.27 34.66
C GLY A 242 -8.01 -4.52 33.97
N LEU A 243 -7.07 -5.43 33.69
CA LEU A 243 -7.43 -6.68 33.03
C LEU A 243 -8.30 -7.52 33.95
N GLN A 244 -7.93 -7.56 35.24
CA GLN A 244 -8.71 -8.33 36.20
C GLN A 244 -10.08 -7.67 36.38
N ALA A 245 -10.09 -6.34 36.45
CA ALA A 245 -11.34 -5.63 36.61
C ALA A 245 -12.25 -5.96 35.42
N ALA A 246 -11.70 -5.92 34.21
CA ALA A 246 -12.45 -6.22 33.00
C ALA A 246 -12.96 -7.66 32.98
N ILE A 247 -12.12 -8.60 33.41
CA ILE A 247 -12.50 -10.01 33.44
C ILE A 247 -13.65 -10.23 34.40
N LYS A 248 -13.53 -9.68 35.60
CA LYS A 248 -14.55 -9.81 36.64
C LYS A 248 -15.87 -9.23 36.13
N ALA A 249 -15.83 -8.02 35.57
CA ALA A 249 -17.03 -7.39 35.04
C ALA A 249 -17.70 -8.25 33.98
N ALA A 250 -16.91 -8.72 33.02
CA ALA A 250 -17.42 -9.55 31.93
C ALA A 250 -18.12 -10.80 32.46
N GLU A 251 -17.54 -11.43 33.47
CA GLU A 251 -18.10 -12.64 34.05
C GLU A 251 -19.47 -12.38 34.66
N ARG A 252 -19.62 -11.24 35.34
CA ARG A 252 -20.89 -10.90 35.96
C ARG A 252 -21.94 -10.64 34.89
N ALA A 253 -21.50 -10.13 33.74
CA ALA A 253 -22.40 -9.82 32.64
C ALA A 253 -22.79 -11.05 31.81
N GLY A 254 -22.29 -12.23 32.19
CA GLY A 254 -22.64 -13.43 31.49
C GLY A 254 -21.58 -14.05 30.58
N ALA A 255 -20.43 -13.38 30.47
CA ALA A 255 -19.37 -13.88 29.61
C ALA A 255 -18.66 -15.10 30.22
N SER A 256 -18.16 -15.97 29.35
CA SER A 256 -17.43 -17.14 29.82
C SER A 256 -15.98 -16.78 29.52
N VAL A 257 -15.17 -16.67 30.57
CA VAL A 257 -13.78 -16.29 30.43
C VAL A 257 -12.86 -17.47 30.77
N GLN A 258 -11.79 -17.62 29.98
CA GLN A 258 -10.83 -18.69 30.19
C GLN A 258 -9.45 -18.26 29.75
N ALA A 259 -8.45 -18.49 30.58
CA ALA A 259 -7.08 -18.13 30.25
C ALA A 259 -6.56 -19.06 29.17
N ILE A 260 -5.63 -18.56 28.36
CA ILE A 260 -5.03 -19.35 27.29
C ILE A 260 -3.65 -18.83 26.93
N ASP A 261 -2.80 -19.74 26.49
CA ASP A 261 -1.45 -19.38 26.09
C ASP A 261 -1.41 -19.47 24.56
N LEU A 262 -0.91 -18.41 23.94
CA LEU A 262 -0.82 -18.37 22.48
C LEU A 262 0.25 -19.33 21.97
N PRO A 263 0.03 -19.90 20.77
CA PRO A 263 0.95 -20.84 20.12
C PRO A 263 2.36 -20.27 20.03
N GLU A 264 3.35 -21.15 19.94
CA GLU A 264 4.75 -20.73 19.84
C GLU A 264 4.93 -19.89 18.57
N ALA A 265 4.16 -20.22 17.53
CA ALA A 265 4.26 -19.51 16.26
C ALA A 265 3.92 -18.03 16.46
N VAL A 266 3.01 -17.74 17.39
CA VAL A 266 2.61 -16.37 17.66
C VAL A 266 3.71 -15.64 18.44
N HIS A 267 4.29 -16.30 19.44
CA HIS A 267 5.37 -15.69 20.21
C HIS A 267 6.42 -15.21 19.20
N GLU A 268 6.71 -16.07 18.24
CA GLU A 268 7.70 -15.79 17.20
C GLU A 268 7.28 -14.63 16.32
N ALA A 269 6.02 -14.63 15.88
CA ALA A 269 5.52 -13.56 15.04
C ALA A 269 5.72 -12.24 15.78
N TRP A 270 5.54 -12.26 17.10
CA TRP A 270 5.72 -11.08 17.93
C TRP A 270 7.18 -10.61 17.97
N ARG A 271 8.11 -11.57 18.02
CA ARG A 271 9.54 -11.25 18.08
C ARG A 271 10.10 -10.65 16.80
N ILE A 272 9.64 -11.13 15.65
CA ILE A 272 10.15 -10.63 14.38
C ILE A 272 9.44 -9.40 13.83
N HIS A 273 8.42 -8.93 14.54
CA HIS A 273 7.69 -7.74 14.11
C HIS A 273 8.66 -6.58 13.85
N PRO A 274 9.65 -6.36 14.74
CA PRO A 274 10.63 -5.28 14.56
C PRO A 274 11.37 -5.41 13.22
N ILE A 275 11.72 -6.65 12.87
CA ILE A 275 12.44 -6.91 11.64
C ILE A 275 11.66 -6.41 10.45
N ILE A 276 10.41 -6.84 10.34
CA ILE A 276 9.56 -6.44 9.22
C ILE A 276 9.34 -4.92 9.23
N GLN A 277 9.04 -4.37 10.40
CA GLN A 277 8.80 -2.94 10.55
C GLN A 277 10.01 -2.10 10.16
N ASP A 278 11.17 -2.46 10.69
CA ASP A 278 12.40 -1.72 10.43
C ASP A 278 13.03 -1.92 9.06
N PHE A 279 12.94 -3.12 8.50
CA PHE A 279 13.54 -3.34 7.19
C PHE A 279 12.76 -2.53 6.16
N GLU A 280 11.44 -2.48 6.33
CA GLU A 280 10.57 -1.74 5.42
C GLU A 280 10.68 -0.23 5.62
N ALA A 281 10.82 0.18 6.87
CA ALA A 281 10.95 1.59 7.19
C ALA A 281 12.11 2.19 6.40
N HIS A 282 13.19 1.43 6.26
CA HIS A 282 14.35 1.90 5.52
C HIS A 282 14.04 2.09 4.04
N ARG A 283 13.18 1.24 3.50
CA ARG A 283 12.79 1.37 2.10
C ARG A 283 11.82 2.54 2.00
N ALA A 284 10.86 2.57 2.94
CA ALA A 284 9.81 3.59 2.98
C ALA A 284 10.30 5.01 3.24
N LEU A 285 11.38 5.13 4.01
CA LEU A 285 11.92 6.45 4.33
C LEU A 285 13.30 6.61 3.70
N ALA A 286 13.47 6.02 2.53
CA ALA A 286 14.76 6.09 1.84
C ALA A 286 15.19 7.52 1.55
N TRP A 287 14.31 8.30 0.93
CA TRP A 287 14.62 9.69 0.60
C TRP A 287 14.99 10.51 1.82
N GLU A 288 14.21 10.37 2.90
CA GLU A 288 14.48 11.12 4.13
C GLU A 288 15.82 10.74 4.72
N PHE A 289 16.08 9.44 4.79
CA PHE A 289 17.32 8.91 5.36
C PHE A 289 18.60 9.18 4.56
N SER A 290 18.46 9.40 3.26
CA SER A 290 19.63 9.64 2.40
C SER A 290 19.92 11.11 2.17
N GLU A 291 18.86 11.91 2.03
CA GLU A 291 19.01 13.33 1.76
C GLU A 291 18.81 14.25 2.95
N HIS A 292 18.16 13.74 3.99
CA HIS A 292 17.89 14.58 5.17
C HIS A 292 18.09 13.82 6.46
N HIS A 293 19.07 12.91 6.47
CA HIS A 293 19.37 12.08 7.62
C HIS A 293 19.35 12.86 8.92
N ASP A 294 20.26 13.82 9.04
CA ASP A 294 20.40 14.66 10.23
C ASP A 294 19.14 15.43 10.63
N GLU A 295 18.16 15.54 9.73
CA GLU A 295 16.95 16.27 10.04
C GLU A 295 15.86 15.36 10.62
N ILE A 296 16.08 14.06 10.55
CA ILE A 296 15.11 13.11 11.10
C ILE A 296 15.20 13.15 12.62
N ALA A 297 14.06 13.23 13.29
CA ALA A 297 14.04 13.29 14.74
C ALA A 297 14.98 12.23 15.35
N PRO A 298 15.65 12.58 16.46
CA PRO A 298 16.60 11.77 17.23
C PRO A 298 16.31 10.27 17.37
N MET A 299 15.19 9.95 18.01
CA MET A 299 14.84 8.56 18.25
C MET A 299 14.62 7.75 16.98
N LEU A 300 13.96 8.33 15.99
CA LEU A 300 13.73 7.60 14.74
C LEU A 300 15.02 7.47 13.96
N ARG A 301 15.84 8.51 14.01
CA ARG A 301 17.12 8.52 13.31
C ARG A 301 18.03 7.44 13.88
N ALA A 302 17.96 7.25 15.19
CA ALA A 302 18.80 6.27 15.86
C ALA A 302 18.38 4.84 15.57
N SER A 303 17.07 4.59 15.49
CA SER A 303 16.60 3.23 15.22
C SER A 303 16.85 2.85 13.76
N LEU A 304 16.84 3.83 12.88
CA LEU A 304 17.09 3.57 11.47
C LEU A 304 18.59 3.27 11.31
N ASP A 305 19.42 4.03 12.02
CA ASP A 305 20.88 3.85 11.97
C ASP A 305 21.31 2.48 12.48
N ALA A 306 20.67 2.02 13.54
CA ALA A 306 21.01 0.72 14.13
C ALA A 306 20.56 -0.44 13.26
N THR A 307 19.67 -0.18 12.31
CA THR A 307 19.11 -1.21 11.45
C THR A 307 19.42 -1.14 9.95
N VAL A 308 20.39 -0.33 9.54
CA VAL A 308 20.73 -0.24 8.12
C VAL A 308 21.23 -1.60 7.61
N GLY A 309 21.70 -2.44 8.53
CA GLY A 309 22.23 -3.74 8.15
C GLY A 309 21.24 -4.87 7.92
N LEU A 310 19.97 -4.66 8.24
CA LEU A 310 18.97 -5.71 8.03
C LEU A 310 19.01 -6.16 6.58
N THR A 311 18.99 -7.47 6.38
CA THR A 311 19.06 -8.05 5.04
C THR A 311 17.74 -8.57 4.54
N PRO A 312 17.58 -8.64 3.20
CA PRO A 312 16.35 -9.14 2.58
C PRO A 312 16.07 -10.58 3.01
N LYS A 313 17.14 -11.33 3.24
CA LYS A 313 17.03 -12.72 3.66
C LYS A 313 16.35 -12.82 5.01
N GLU A 314 16.90 -12.15 6.02
CA GLU A 314 16.30 -12.20 7.34
C GLU A 314 14.93 -11.54 7.34
N TYR A 315 14.71 -10.65 6.38
CA TYR A 315 13.43 -9.97 6.24
C TYR A 315 12.41 -10.98 5.73
N ASP A 316 12.82 -11.80 4.76
CA ASP A 316 11.92 -12.80 4.20
C ASP A 316 11.60 -13.88 5.23
N GLU A 317 12.57 -14.24 6.05
CA GLU A 317 12.34 -15.25 7.06
C GLU A 317 11.34 -14.68 8.06
N ALA A 318 11.53 -13.41 8.43
CA ALA A 318 10.63 -12.75 9.35
C ALA A 318 9.18 -12.88 8.89
N ARG A 319 8.93 -12.61 7.61
CA ARG A 319 7.58 -12.71 7.07
C ARG A 319 7.06 -14.14 7.05
N ARG A 320 7.93 -15.13 6.82
CA ARG A 320 7.47 -16.52 6.81
C ARG A 320 6.94 -16.79 8.21
N ILE A 321 7.68 -16.32 9.20
CA ILE A 321 7.29 -16.49 10.60
C ILE A 321 5.97 -15.76 10.83
N GLY A 322 5.78 -14.65 10.12
CA GLY A 322 4.55 -13.88 10.26
C GLY A 322 3.35 -14.69 9.80
N ARG A 323 3.47 -15.28 8.62
CA ARG A 323 2.41 -16.11 8.07
C ARG A 323 2.12 -17.30 8.97
N ARG A 324 3.17 -17.98 9.41
CA ARG A 324 3.01 -19.13 10.31
C ARG A 324 2.12 -18.69 11.47
N GLY A 325 2.49 -17.57 12.07
CA GLY A 325 1.74 -17.03 13.21
C GLY A 325 0.26 -16.76 12.94
N ARG A 326 -0.06 -16.25 11.75
CA ARG A 326 -1.46 -15.97 11.43
C ARG A 326 -2.25 -17.25 11.31
N ARG A 327 -1.69 -18.24 10.60
CA ARG A 327 -2.37 -19.51 10.41
C ARG A 327 -2.67 -20.20 11.74
N GLU A 328 -1.76 -20.05 12.70
CA GLU A 328 -1.98 -20.68 14.00
C GLU A 328 -2.86 -19.86 14.93
N LEU A 329 -2.93 -18.56 14.71
CA LEU A 329 -3.78 -17.70 15.54
C LEU A 329 -5.23 -18.03 15.25
N GLY A 330 -5.54 -18.23 13.98
CA GLY A 330 -6.90 -18.54 13.57
C GLY A 330 -7.45 -19.74 14.32
N GLU A 331 -6.60 -20.72 14.59
CA GLU A 331 -7.00 -21.94 15.31
C GLU A 331 -7.47 -21.63 16.72
N VAL A 332 -6.83 -20.65 17.34
CA VAL A 332 -7.17 -20.23 18.69
C VAL A 332 -8.62 -19.74 18.73
N PHE A 333 -9.02 -18.99 17.71
CA PHE A 333 -10.37 -18.46 17.63
C PHE A 333 -11.47 -19.48 17.39
N GLU A 334 -11.14 -20.76 17.52
CA GLU A 334 -12.17 -21.79 17.32
C GLU A 334 -12.97 -21.92 18.61
N GLY A 335 -12.27 -21.84 19.73
CA GLY A 335 -12.92 -21.96 21.02
C GLY A 335 -13.33 -20.65 21.66
N VAL A 336 -12.99 -19.53 21.02
CA VAL A 336 -13.35 -18.23 21.56
C VAL A 336 -13.83 -17.28 20.48
N ASP A 337 -14.66 -16.32 20.87
CA ASP A 337 -15.16 -15.33 19.94
C ASP A 337 -14.20 -14.16 19.92
N VAL A 338 -13.54 -13.93 21.04
CA VAL A 338 -12.60 -12.83 21.17
C VAL A 338 -11.47 -13.14 22.15
N LEU A 339 -10.41 -12.35 22.06
CA LEU A 339 -9.26 -12.46 22.94
C LEU A 339 -9.24 -11.15 23.70
N LEU A 340 -8.82 -11.18 24.96
CA LEU A 340 -8.76 -9.98 25.79
C LEU A 340 -7.39 -9.89 26.41
N THR A 341 -6.72 -8.76 26.21
CA THR A 341 -5.39 -8.56 26.75
C THR A 341 -5.15 -7.12 27.13
N TYR A 342 -3.91 -6.81 27.47
CA TYR A 342 -3.53 -5.46 27.84
C TYR A 342 -3.54 -4.55 26.61
N SER A 343 -3.68 -3.25 26.83
CA SER A 343 -3.67 -2.28 25.75
C SER A 343 -2.36 -1.50 25.85
N ALA A 344 -1.71 -1.59 27.00
CA ALA A 344 -0.46 -0.91 27.24
C ALA A 344 0.23 -1.51 28.47
N PRO A 345 1.52 -1.22 28.67
CA PRO A 345 2.29 -1.73 29.81
C PRO A 345 1.72 -1.30 31.15
N GLY A 346 1.19 -0.09 31.21
CA GLY A 346 0.63 0.42 32.45
C GLY A 346 0.10 1.81 32.20
N THR A 347 -0.05 2.60 33.25
CA THR A 347 -0.53 3.96 33.06
C THR A 347 0.48 4.74 32.24
N ALA A 348 0.03 5.81 31.57
CA ALA A 348 0.88 6.63 30.73
C ALA A 348 2.10 7.19 31.45
N PRO A 349 3.29 7.06 30.81
CA PRO A 349 4.56 7.54 31.35
C PRO A 349 4.59 9.05 31.53
N ALA A 350 5.28 9.51 32.57
CA ALA A 350 5.40 10.94 32.83
C ALA A 350 6.15 11.57 31.65
N LYS A 351 5.77 12.79 31.28
CA LYS A 351 6.41 13.47 30.16
C LYS A 351 7.92 13.57 30.34
N ALA A 352 8.37 13.60 31.58
CA ALA A 352 9.78 13.71 31.89
C ALA A 352 10.60 12.54 31.34
N LEU A 353 9.96 11.38 31.19
CA LEU A 353 10.65 10.20 30.68
C LEU A 353 10.95 10.25 29.20
N ALA A 354 10.36 11.22 28.50
CA ALA A 354 10.56 11.36 27.06
C ALA A 354 10.28 10.04 26.35
N SER A 355 9.13 9.44 26.63
CA SER A 355 8.75 8.19 26.00
C SER A 355 7.26 8.17 25.78
N THR A 356 6.84 7.70 24.61
CA THR A 356 5.42 7.63 24.29
C THR A 356 4.86 6.29 24.71
N GLY A 357 5.69 5.48 25.37
CA GLY A 357 5.25 4.18 25.82
C GLY A 357 5.68 3.03 24.92
N ASP A 358 5.85 1.85 25.51
CA ASP A 358 6.29 0.66 24.79
C ASP A 358 5.11 -0.01 24.07
N PRO A 359 5.25 -0.27 22.76
CA PRO A 359 4.19 -0.91 21.98
C PRO A 359 4.25 -2.43 22.01
N ARG A 360 5.01 -3.00 22.94
CA ARG A 360 5.15 -4.45 22.99
C ARG A 360 3.85 -5.25 23.11
N TYR A 361 2.82 -4.70 23.74
CA TYR A 361 1.55 -5.43 23.87
C TYR A 361 0.59 -5.17 22.72
N ASN A 362 1.03 -4.35 21.76
CA ASN A 362 0.21 -3.98 20.60
C ASN A 362 0.77 -4.53 19.29
N ARG A 363 2.08 -4.39 19.09
CA ARG A 363 2.76 -4.79 17.86
C ARG A 363 2.38 -6.13 17.22
N LEU A 364 2.21 -7.17 18.03
CA LEU A 364 1.84 -8.49 17.49
C LEU A 364 0.58 -8.48 16.64
N TRP A 365 -0.47 -7.86 17.16
CA TRP A 365 -1.76 -7.82 16.48
C TRP A 365 -1.77 -6.99 15.21
N THR A 366 -0.93 -5.98 15.15
CA THR A 366 -0.86 -5.16 13.95
C THR A 366 -0.33 -6.07 12.83
N LEU A 367 0.58 -6.97 13.19
CA LEU A 367 1.17 -7.90 12.23
C LEU A 367 0.20 -9.01 11.83
N MET A 368 -0.66 -9.42 12.76
CA MET A 368 -1.64 -10.46 12.48
C MET A 368 -2.76 -9.82 11.66
N GLY A 369 -3.05 -8.56 11.96
CA GLY A 369 -4.07 -7.83 11.23
C GLY A 369 -5.48 -7.87 11.79
N ASN A 370 -5.68 -8.65 12.84
CA ASN A 370 -7.00 -8.77 13.47
C ASN A 370 -7.49 -7.42 13.99
N PRO A 371 -8.82 -7.25 14.05
CA PRO A 371 -9.38 -5.98 14.55
C PRO A 371 -9.14 -5.87 16.05
N CYS A 372 -8.71 -4.69 16.49
CA CYS A 372 -8.44 -4.46 17.91
C CYS A 372 -9.22 -3.24 18.38
N VAL A 373 -9.74 -3.32 19.60
CA VAL A 373 -10.52 -2.22 20.17
C VAL A 373 -10.05 -1.96 21.60
N ASN A 374 -9.88 -0.69 21.95
CA ASN A 374 -9.48 -0.36 23.31
C ASN A 374 -10.71 0.00 24.13
N VAL A 375 -10.88 -0.69 25.25
CA VAL A 375 -12.01 -0.45 26.13
C VAL A 375 -11.54 0.13 27.46
N PRO A 376 -11.81 1.43 27.69
CA PRO A 376 -11.41 2.08 28.94
C PRO A 376 -11.97 1.26 30.12
N VAL A 377 -11.15 1.00 31.13
CA VAL A 377 -11.59 0.21 32.27
C VAL A 377 -11.61 0.95 33.61
N LEU A 378 -10.49 1.56 33.95
CA LEU A 378 -10.39 2.29 35.21
C LEU A 378 -9.21 3.26 35.16
N LYS A 379 -8.88 3.83 36.31
CA LYS A 379 -7.77 4.76 36.39
C LYS A 379 -7.03 4.56 37.69
N VAL A 380 -5.70 4.53 37.61
CA VAL A 380 -4.88 4.37 38.79
C VAL A 380 -4.13 5.68 38.98
N GLY A 381 -4.26 6.27 40.17
CA GLY A 381 -3.60 7.53 40.43
C GLY A 381 -4.03 8.62 39.47
N GLY A 382 -5.20 8.47 38.85
CA GLY A 382 -5.69 9.47 37.93
C GLY A 382 -5.45 9.18 36.46
N LEU A 383 -4.52 8.28 36.16
CA LEU A 383 -4.19 7.91 34.79
C LEU A 383 -4.99 6.67 34.35
N PRO A 384 -5.65 6.76 33.19
CA PRO A 384 -6.46 5.69 32.62
C PRO A 384 -5.74 4.38 32.29
N ILE A 385 -6.49 3.29 32.35
CA ILE A 385 -6.00 1.95 32.03
C ILE A 385 -7.11 1.24 31.26
N GLY A 386 -6.77 0.71 30.08
CA GLY A 386 -7.76 0.01 29.28
C GLY A 386 -7.31 -1.38 28.89
N VAL A 387 -8.25 -2.18 28.39
CA VAL A 387 -7.97 -3.53 27.95
C VAL A 387 -8.19 -3.56 26.44
N GLN A 388 -7.67 -4.58 25.77
CA GLN A 388 -7.79 -4.68 24.34
C GLN A 388 -8.57 -5.90 23.90
N VAL A 389 -9.63 -5.66 23.13
CA VAL A 389 -10.49 -6.72 22.61
C VAL A 389 -10.09 -7.06 21.19
N ILE A 390 -9.83 -8.34 20.94
CA ILE A 390 -9.38 -8.80 19.62
C ILE A 390 -10.24 -9.95 19.07
N ALA A 391 -10.65 -9.82 17.82
CA ALA A 391 -11.46 -10.84 17.16
C ALA A 391 -10.77 -11.41 15.93
N ARG A 392 -11.36 -12.44 15.35
CA ARG A 392 -10.82 -13.09 14.16
C ARG A 392 -10.71 -12.03 13.06
N PHE A 393 -9.69 -12.17 12.22
CA PHE A 393 -9.48 -11.25 11.11
C PHE A 393 -10.74 -11.15 10.26
N GLY A 394 -11.17 -9.92 9.97
CA GLY A 394 -12.35 -9.72 9.16
C GLY A 394 -13.64 -9.49 9.94
N ASN A 395 -13.61 -9.80 11.23
CA ASN A 395 -14.78 -9.65 12.07
C ASN A 395 -14.68 -8.43 12.97
N ASP A 396 -14.46 -7.28 12.35
CA ASP A 396 -14.35 -6.03 13.07
C ASP A 396 -15.65 -5.77 13.82
N ALA A 397 -16.78 -6.09 13.18
CA ALA A 397 -18.09 -5.87 13.77
C ALA A 397 -18.28 -6.56 15.12
N HIS A 398 -17.84 -7.80 15.24
CA HIS A 398 -18.02 -8.48 16.51
C HIS A 398 -17.12 -7.88 17.58
N ALA A 399 -15.90 -7.53 17.20
CA ALA A 399 -14.95 -6.93 18.13
C ALA A 399 -15.56 -5.70 18.81
N LEU A 400 -16.25 -4.87 18.03
CA LEU A 400 -16.90 -3.66 18.56
C LEU A 400 -18.09 -4.06 19.42
N ALA A 401 -18.77 -5.12 19.02
CA ALA A 401 -19.94 -5.61 19.74
C ALA A 401 -19.51 -6.06 21.14
N THR A 402 -18.46 -6.86 21.20
CA THR A 402 -17.95 -7.36 22.48
C THR A 402 -17.38 -6.23 23.33
N ALA A 403 -16.75 -5.25 22.68
CA ALA A 403 -16.18 -4.11 23.40
C ALA A 403 -17.33 -3.34 24.02
N TRP A 404 -18.42 -3.20 23.26
CA TRP A 404 -19.61 -2.50 23.72
C TRP A 404 -20.13 -3.24 24.96
N PHE A 405 -20.29 -4.55 24.81
CA PHE A 405 -20.75 -5.42 25.88
C PHE A 405 -19.93 -5.19 27.13
N LEU A 406 -18.62 -5.09 26.95
CA LEU A 406 -17.71 -4.88 28.05
C LEU A 406 -17.91 -3.51 28.70
N GLU A 407 -18.17 -2.48 27.88
CA GLU A 407 -18.38 -1.15 28.42
C GLU A 407 -19.58 -1.16 29.37
N ASP A 408 -20.67 -1.79 28.95
CA ASP A 408 -21.86 -1.87 29.78
C ASP A 408 -21.56 -2.71 31.02
N ALA A 409 -20.82 -3.80 30.81
CA ALA A 409 -20.44 -4.69 31.90
C ALA A 409 -19.75 -3.92 33.02
N LEU A 410 -18.77 -3.09 32.65
CA LEU A 410 -18.04 -2.31 33.65
C LEU A 410 -18.94 -1.28 34.34
N ALA A 411 -19.91 -0.75 33.60
CA ALA A 411 -20.84 0.21 34.16
C ALA A 411 -21.84 -0.57 35.01
N LYS A 412 -21.57 -1.86 35.14
CA LYS A 412 -22.39 -2.81 35.89
C LYS A 412 -23.59 -3.24 35.06
N MET B 1 18.19 -1.95 -28.96
CA MET B 1 17.92 -1.43 -27.58
C MET B 1 19.21 -1.43 -26.78
N ILE B 2 19.25 -0.61 -25.73
CA ILE B 2 20.44 -0.54 -24.92
C ILE B 2 20.35 -1.62 -23.84
N SER B 3 21.45 -2.34 -23.67
CA SER B 3 21.54 -3.42 -22.69
C SER B 3 22.15 -2.93 -21.39
N LEU B 4 21.41 -3.07 -20.30
CA LEU B 4 21.88 -2.65 -18.98
C LEU B 4 23.07 -3.53 -18.57
N ALA B 5 22.95 -4.82 -18.85
CA ALA B 5 24.02 -5.77 -18.53
C ALA B 5 25.31 -5.44 -19.30
N ASP B 6 25.17 -5.14 -20.59
CA ASP B 6 26.33 -4.81 -21.41
C ASP B 6 27.08 -3.59 -20.85
N LEU B 7 26.36 -2.51 -20.62
CA LEU B 7 26.97 -1.30 -20.08
C LEU B 7 27.66 -1.60 -18.74
N GLN B 8 26.98 -2.37 -17.89
CA GLN B 8 27.52 -2.73 -16.58
C GLN B 8 28.89 -3.39 -16.68
N ARG B 9 29.00 -4.39 -17.56
CA ARG B 9 30.26 -5.10 -17.73
C ARG B 9 31.34 -4.21 -18.34
N ARG B 10 30.97 -3.39 -19.31
CA ARG B 10 31.95 -2.51 -19.95
C ARG B 10 32.37 -1.39 -18.99
N ILE B 11 31.47 -0.97 -18.11
CA ILE B 11 31.81 0.09 -17.16
C ILE B 11 32.70 -0.52 -16.06
N GLU B 12 32.40 -1.75 -15.68
CA GLU B 12 33.16 -2.43 -14.62
C GLU B 12 34.63 -2.64 -14.98
N THR B 13 34.88 -3.17 -16.19
CA THR B 13 36.24 -3.42 -16.64
C THR B 13 36.98 -2.10 -16.89
N GLY B 14 36.24 -1.02 -17.06
CA GLY B 14 36.86 0.26 -17.31
C GLY B 14 36.76 0.70 -18.76
N GLU B 15 36.26 -0.20 -19.62
CA GLU B 15 36.11 0.08 -21.04
C GLU B 15 35.24 1.32 -21.33
N LEU B 16 34.26 1.57 -20.45
CA LEU B 16 33.37 2.70 -20.60
C LEU B 16 33.23 3.46 -19.28
N SER B 17 33.23 4.78 -19.35
CA SER B 17 33.10 5.59 -18.15
C SER B 17 31.61 5.85 -17.88
N PRO B 18 31.26 6.11 -16.62
CA PRO B 18 29.84 6.37 -16.32
C PRO B 18 29.35 7.64 -17.03
N ASN B 19 30.18 8.67 -17.09
CA ASN B 19 29.80 9.93 -17.74
C ASN B 19 29.47 9.68 -19.21
N ALA B 20 30.28 8.86 -19.86
CA ALA B 20 30.06 8.55 -21.26
C ALA B 20 28.73 7.81 -21.44
N ALA B 21 28.50 6.81 -20.60
CA ALA B 21 27.26 6.03 -20.69
C ALA B 21 26.03 6.94 -20.60
N ILE B 22 26.02 7.85 -19.64
CA ILE B 22 24.89 8.76 -19.51
C ILE B 22 24.81 9.70 -20.71
N ALA B 23 25.97 10.18 -21.18
CA ALA B 23 25.98 11.06 -22.34
C ALA B 23 25.45 10.29 -23.54
N GLN B 24 25.52 8.95 -23.45
CA GLN B 24 25.03 8.06 -24.50
C GLN B 24 23.51 8.07 -24.56
N SER B 25 22.88 7.94 -23.40
CA SER B 25 21.43 7.91 -23.29
C SER B 25 20.83 9.25 -23.67
N HIS B 26 21.44 10.33 -23.22
CA HIS B 26 20.94 11.67 -23.53
C HIS B 26 20.86 11.82 -25.05
N ALA B 27 21.93 11.41 -25.72
CA ALA B 27 21.99 11.50 -27.18
C ALA B 27 20.94 10.60 -27.83
N ALA B 28 20.78 9.40 -27.27
CA ALA B 28 19.81 8.42 -27.80
C ALA B 28 18.38 8.90 -27.60
N ILE B 29 18.17 9.70 -26.56
CA ILE B 29 16.85 10.25 -26.29
C ILE B 29 16.64 11.40 -27.26
N GLU B 30 17.71 12.16 -27.47
CA GLU B 30 17.69 13.30 -28.37
C GLU B 30 17.36 12.85 -29.78
N ALA B 31 18.07 11.81 -30.23
CA ALA B 31 17.89 11.27 -31.56
C ALA B 31 16.49 10.74 -31.90
N ARG B 32 15.73 10.27 -30.91
CA ARG B 32 14.41 9.72 -31.19
C ARG B 32 13.17 10.34 -30.52
N GLU B 33 13.34 11.05 -29.41
CA GLU B 33 12.20 11.62 -28.70
C GLU B 33 11.25 12.48 -29.55
N LYS B 34 11.79 13.33 -30.41
CA LYS B 34 10.94 14.17 -31.22
C LYS B 34 9.96 13.38 -32.08
N GLU B 35 10.26 12.12 -32.36
CA GLU B 35 9.33 11.34 -33.17
C GLU B 35 8.51 10.30 -32.39
N VAL B 36 8.98 9.91 -31.22
CA VAL B 36 8.30 8.91 -30.39
C VAL B 36 7.52 9.55 -29.23
N HIS B 37 8.04 10.65 -28.68
CA HIS B 37 7.40 11.35 -27.57
C HIS B 37 7.18 10.43 -26.36
N ALA B 38 8.26 9.83 -25.88
CA ALA B 38 8.17 8.92 -24.74
C ALA B 38 8.31 9.59 -23.39
N PHE B 39 8.89 10.79 -23.37
CA PHE B 39 9.09 11.49 -22.12
C PHE B 39 8.18 12.69 -21.86
N VAL B 40 7.73 12.81 -20.63
CA VAL B 40 6.92 13.95 -20.22
C VAL B 40 7.98 15.01 -19.90
N ARG B 41 9.11 14.54 -19.38
CA ARG B 41 10.21 15.42 -19.03
C ARG B 41 11.53 14.71 -19.12
N HIS B 42 12.45 15.30 -19.88
CA HIS B 42 13.78 14.76 -20.07
C HIS B 42 14.74 15.72 -19.35
N ASP B 43 15.44 15.22 -18.34
CA ASP B 43 16.38 16.04 -17.59
C ASP B 43 17.72 16.00 -18.31
N LYS B 44 17.99 17.02 -19.12
CA LYS B 44 19.24 17.09 -19.89
C LYS B 44 20.47 17.33 -19.02
N SER B 45 20.26 17.68 -17.76
CA SER B 45 21.37 17.95 -16.85
C SER B 45 21.72 16.74 -16.00
N ALA B 46 20.82 15.77 -15.95
CA ALA B 46 21.05 14.55 -15.16
C ALA B 46 22.43 13.98 -15.45
N ARG B 47 23.24 13.85 -14.41
CA ARG B 47 24.59 13.33 -14.56
C ARG B 47 24.72 11.95 -13.97
N ALA B 48 25.86 11.31 -14.23
CA ALA B 48 26.14 9.97 -13.75
C ALA B 48 26.73 10.01 -12.35
N GLN B 49 26.66 8.88 -11.65
CA GLN B 49 27.23 8.78 -10.31
C GLN B 49 28.57 8.05 -10.42
N ALA B 50 29.48 8.38 -9.53
CA ALA B 50 30.82 7.79 -9.52
C ALA B 50 30.90 6.36 -9.01
N SER B 51 29.92 5.94 -8.22
CA SER B 51 29.94 4.58 -7.69
C SER B 51 28.59 3.89 -7.69
N GLY B 52 28.63 2.57 -7.51
CA GLY B 52 27.40 1.80 -7.49
C GLY B 52 27.31 0.90 -8.70
N PRO B 53 26.59 -0.23 -8.59
CA PRO B 53 26.43 -1.18 -9.69
C PRO B 53 25.61 -0.62 -10.84
N LEU B 54 24.89 0.48 -10.58
CA LEU B 54 24.08 1.09 -11.63
C LEU B 54 24.61 2.44 -12.11
N ARG B 55 25.85 2.74 -11.76
CA ARG B 55 26.46 4.00 -12.18
C ARG B 55 26.57 4.02 -13.69
N GLY B 56 26.17 5.13 -14.31
CA GLY B 56 26.21 5.23 -15.75
C GLY B 56 25.02 4.52 -16.38
N ILE B 57 23.99 4.29 -15.58
CA ILE B 57 22.78 3.63 -16.06
C ILE B 57 21.62 4.63 -16.01
N ALA B 58 21.11 5.02 -17.18
CA ALA B 58 20.01 5.97 -17.23
C ALA B 58 18.69 5.21 -17.12
N VAL B 59 17.76 5.74 -16.31
CA VAL B 59 16.48 5.09 -16.11
C VAL B 59 15.31 6.02 -16.32
N GLY B 60 14.29 5.54 -17.03
CA GLY B 60 13.09 6.33 -17.28
C GLY B 60 12.07 5.96 -16.22
N ILE B 61 11.34 6.95 -15.71
CA ILE B 61 10.36 6.72 -14.66
C ILE B 61 8.93 7.08 -15.10
N LYS B 62 8.03 6.11 -15.06
CA LYS B 62 6.63 6.33 -15.45
C LYS B 62 6.10 7.46 -14.56
N ASP B 63 5.43 8.44 -15.17
CA ASP B 63 4.99 9.61 -14.40
C ASP B 63 3.86 9.56 -13.37
N ILE B 64 3.75 8.45 -12.65
CA ILE B 64 2.79 8.34 -11.56
C ILE B 64 3.63 7.97 -10.35
N ILE B 65 4.94 7.90 -10.58
CA ILE B 65 5.92 7.56 -9.56
C ILE B 65 6.61 8.86 -9.13
N ASP B 66 6.53 9.16 -7.85
CA ASP B 66 7.11 10.40 -7.33
C ASP B 66 8.61 10.59 -7.50
N THR B 67 8.99 11.80 -7.92
CA THR B 67 10.38 12.20 -8.05
C THR B 67 10.47 13.54 -7.34
N ALA B 68 11.58 13.77 -6.64
CA ALA B 68 11.75 15.01 -5.88
C ALA B 68 12.26 16.20 -6.69
N ASN B 69 13.02 15.94 -7.74
CA ASN B 69 13.59 17.01 -8.57
C ASN B 69 12.89 17.29 -9.90
N MET B 70 11.86 16.51 -10.19
CA MET B 70 11.07 16.67 -11.42
C MET B 70 9.61 16.47 -11.06
N PRO B 71 8.71 17.17 -11.76
CA PRO B 71 7.29 17.04 -11.48
C PRO B 71 6.75 15.63 -11.73
N THR B 72 5.62 15.31 -11.12
CA THR B 72 4.95 14.03 -11.30
C THR B 72 3.53 14.48 -11.59
N GLU B 73 3.17 14.50 -12.87
CA GLU B 73 1.86 14.98 -13.28
C GLU B 73 0.75 13.95 -13.50
N MET B 74 1.04 12.68 -13.23
CA MET B 74 0.05 11.61 -13.37
C MET B 74 -0.64 11.51 -14.73
N GLY B 75 -0.01 12.02 -15.78
CA GLY B 75 -0.64 11.95 -17.09
C GLY B 75 -1.96 12.71 -17.11
N SER B 76 -2.18 13.54 -16.10
CA SER B 76 -3.40 14.32 -15.99
C SER B 76 -3.18 15.82 -15.79
N GLU B 77 -4.12 16.61 -16.33
CA GLU B 77 -4.06 18.06 -16.20
C GLU B 77 -4.34 18.44 -14.75
N ILE B 78 -5.08 17.57 -14.04
CA ILE B 78 -5.40 17.83 -12.65
C ILE B 78 -4.10 18.01 -11.86
N TYR B 79 -3.04 17.33 -12.29
CA TYR B 79 -1.76 17.43 -11.61
C TYR B 79 -0.67 18.17 -12.39
N ARG B 80 -1.09 19.06 -13.28
CA ARG B 80 -0.14 19.84 -14.05
C ARG B 80 0.77 20.59 -13.08
N GLY B 81 2.08 20.45 -13.26
CA GLY B 81 3.01 21.14 -12.38
C GLY B 81 3.10 20.60 -10.97
N TRP B 82 2.49 19.46 -10.70
CA TRP B 82 2.55 18.89 -9.37
C TRP B 82 3.98 18.45 -9.08
N GLN B 83 4.51 18.88 -7.94
CA GLN B 83 5.87 18.52 -7.56
C GLN B 83 5.95 17.80 -6.23
N PRO B 84 6.12 16.47 -6.26
CA PRO B 84 6.22 15.70 -5.01
C PRO B 84 7.38 16.22 -4.17
N ARG B 85 7.33 15.98 -2.87
CA ARG B 85 8.38 16.43 -1.96
C ARG B 85 9.55 15.45 -1.90
N SER B 86 9.25 14.16 -2.05
CA SER B 86 10.28 13.14 -1.98
C SER B 86 10.27 12.19 -3.16
N ASP B 87 11.34 11.41 -3.27
CA ASP B 87 11.45 10.41 -4.31
C ASP B 87 10.74 9.17 -3.77
N ALA B 88 10.09 8.41 -4.64
CA ALA B 88 9.42 7.21 -4.19
C ALA B 88 10.49 6.20 -3.82
N PRO B 89 10.20 5.31 -2.85
CA PRO B 89 11.18 4.30 -2.46
C PRO B 89 11.83 3.56 -3.63
N VAL B 90 11.06 3.16 -4.65
CA VAL B 90 11.66 2.46 -5.78
C VAL B 90 12.65 3.34 -6.51
N VAL B 91 12.38 4.65 -6.56
CA VAL B 91 13.29 5.59 -7.20
C VAL B 91 14.56 5.68 -6.38
N MET B 92 14.41 5.70 -5.06
CA MET B 92 15.57 5.76 -4.19
C MET B 92 16.37 4.46 -4.29
N MET B 93 15.70 3.36 -4.60
CA MET B 93 16.39 2.08 -4.74
C MET B 93 17.37 2.19 -5.90
N LEU B 94 16.96 2.88 -6.95
CA LEU B 94 17.80 3.05 -8.12
C LEU B 94 18.93 4.04 -7.84
N LYS B 95 18.60 5.18 -7.23
CA LYS B 95 19.58 6.19 -6.91
C LYS B 95 20.69 5.66 -6.01
N ARG B 96 20.29 4.89 -5.00
CA ARG B 96 21.26 4.31 -4.06
C ARG B 96 22.17 3.30 -4.73
N ALA B 97 21.71 2.73 -5.85
CA ALA B 97 22.50 1.74 -6.58
C ALA B 97 23.51 2.40 -7.53
N GLY B 98 23.44 3.72 -7.63
CA GLY B 98 24.34 4.47 -8.49
C GLY B 98 23.75 4.92 -9.81
N ALA B 99 22.47 4.61 -10.04
CA ALA B 99 21.80 4.97 -11.28
C ALA B 99 21.47 6.45 -11.43
N THR B 100 21.13 6.83 -12.66
CA THR B 100 20.77 8.20 -12.98
C THR B 100 19.32 8.27 -13.43
N ILE B 101 18.52 9.11 -12.77
CA ILE B 101 17.13 9.28 -13.14
C ILE B 101 17.17 10.29 -14.29
N ILE B 102 16.99 9.81 -15.52
CA ILE B 102 17.08 10.69 -16.69
C ILE B 102 15.80 11.41 -17.12
N GLY B 103 14.65 10.97 -16.61
CA GLY B 103 13.41 11.64 -16.98
C GLY B 103 12.16 10.87 -16.60
N LYS B 104 11.02 11.53 -16.80
CA LYS B 104 9.73 10.92 -16.49
C LYS B 104 9.08 10.50 -17.80
N THR B 105 8.67 9.24 -17.89
CA THR B 105 8.04 8.73 -19.10
C THR B 105 6.52 8.87 -19.05
N THR B 106 5.93 9.05 -20.23
CA THR B 106 4.49 9.24 -20.34
C THR B 106 3.67 8.12 -19.72
N THR B 107 2.58 8.51 -19.09
CA THR B 107 1.65 7.58 -18.47
C THR B 107 0.28 8.08 -18.87
N THR B 108 -0.65 7.16 -19.11
CA THR B 108 -2.00 7.57 -19.45
C THR B 108 -2.57 8.20 -18.19
N ALA B 109 -3.59 9.03 -18.33
CA ALA B 109 -4.21 9.69 -17.17
C ALA B 109 -4.50 8.65 -16.07
N PHE B 110 -3.85 8.82 -14.93
CA PHE B 110 -4.02 7.92 -13.79
C PHE B 110 -3.87 6.44 -14.16
N ALA B 111 -2.99 6.17 -15.12
CA ALA B 111 -2.70 4.82 -15.57
C ALA B 111 -3.90 3.99 -16.00
N SER B 112 -4.88 4.63 -16.63
CA SER B 112 -6.05 3.89 -17.10
C SER B 112 -6.10 3.76 -18.62
N ARG B 113 -7.29 3.86 -19.20
CA ARG B 113 -7.47 3.69 -20.65
C ARG B 113 -7.07 4.84 -21.59
N ASP B 114 -7.23 6.09 -21.15
CA ASP B 114 -6.92 7.25 -21.98
C ASP B 114 -5.52 7.33 -22.58
N PRO B 115 -5.42 7.13 -23.91
CA PRO B 115 -4.16 7.16 -24.67
C PRO B 115 -3.29 8.39 -24.41
N THR B 116 -1.97 8.22 -24.55
CA THR B 116 -1.05 9.33 -24.39
C THR B 116 -0.73 9.69 -25.85
N ALA B 117 0.18 10.63 -26.06
CA ALA B 117 0.54 11.01 -27.42
C ALA B 117 1.76 10.24 -27.89
N THR B 118 2.25 9.34 -27.05
CA THR B 118 3.42 8.54 -27.40
C THR B 118 3.09 7.60 -28.57
N LEU B 119 4.09 7.33 -29.42
CA LEU B 119 3.89 6.45 -30.57
C LEU B 119 4.81 5.24 -30.52
N ASN B 120 4.38 4.14 -31.14
CA ASN B 120 5.18 2.93 -31.16
C ASN B 120 6.48 3.15 -31.93
N PRO B 121 7.62 2.79 -31.30
CA PRO B 121 8.96 2.92 -31.88
C PRO B 121 9.11 2.13 -33.19
N HIS B 122 8.40 1.01 -33.28
CA HIS B 122 8.48 0.17 -34.48
C HIS B 122 7.65 0.65 -35.66
N ASN B 123 6.65 1.48 -35.40
CA ASN B 123 5.80 2.05 -36.44
C ASN B 123 5.00 3.15 -35.75
N THR B 124 5.44 4.40 -35.96
CA THR B 124 4.81 5.56 -35.33
C THR B 124 3.32 5.72 -35.56
N GLY B 125 2.76 4.93 -36.46
CA GLY B 125 1.33 5.04 -36.71
C GLY B 125 0.55 4.19 -35.73
N HIS B 126 1.28 3.51 -34.85
CA HIS B 126 0.66 2.63 -33.87
C HIS B 126 0.89 3.02 -32.42
N SER B 127 0.08 2.44 -31.55
CA SER B 127 0.16 2.65 -30.11
C SER B 127 1.33 1.89 -29.51
N PRO B 128 1.97 2.47 -28.48
CA PRO B 128 3.10 1.80 -27.84
C PRO B 128 2.58 0.95 -26.70
N GLY B 129 1.26 1.04 -26.48
CA GLY B 129 0.61 0.31 -25.41
C GLY B 129 0.42 1.24 -24.23
N GLY B 130 -0.16 0.74 -23.15
CA GLY B 130 -0.37 1.53 -21.95
C GLY B 130 -0.58 0.65 -20.74
N ALA B 131 -0.52 1.21 -19.53
CA ALA B 131 -0.47 2.65 -19.32
C ALA B 131 0.98 3.18 -19.27
N SER B 132 1.94 2.28 -19.07
CA SER B 132 3.35 2.65 -19.02
C SER B 132 3.82 2.83 -20.46
N SER B 133 3.16 3.73 -21.18
CA SER B 133 3.49 3.99 -22.58
C SER B 133 4.92 4.44 -22.80
N GLY B 134 5.28 5.57 -22.19
CA GLY B 134 6.61 6.11 -22.33
C GLY B 134 7.74 5.17 -21.98
N SER B 135 7.63 4.46 -20.86
CA SER B 135 8.68 3.54 -20.43
C SER B 135 8.98 2.43 -21.45
N ALA B 136 7.94 1.92 -22.11
CA ALA B 136 8.12 0.87 -23.10
C ALA B 136 8.67 1.45 -24.41
N ALA B 137 8.08 2.55 -24.84
CA ALA B 137 8.48 3.21 -26.08
C ALA B 137 9.94 3.67 -26.02
N ALA B 138 10.34 4.25 -24.90
CA ALA B 138 11.71 4.74 -24.71
C ALA B 138 12.74 3.62 -24.75
N VAL B 139 12.46 2.52 -24.06
CA VAL B 139 13.39 1.39 -24.06
C VAL B 139 13.38 0.74 -25.44
N GLY B 140 12.20 0.59 -26.02
CA GLY B 140 12.08 -0.03 -27.33
C GLY B 140 12.72 0.75 -28.46
N ALA B 141 12.90 2.05 -28.25
CA ALA B 141 13.50 2.92 -29.25
C ALA B 141 15.01 3.08 -29.04
N GLY B 142 15.55 2.30 -28.09
CA GLY B 142 16.97 2.34 -27.82
C GLY B 142 17.42 3.62 -27.13
N MET B 143 16.50 4.29 -26.45
CA MET B 143 16.83 5.53 -25.76
C MET B 143 17.54 5.31 -24.43
N ILE B 144 16.99 4.41 -23.62
CA ILE B 144 17.56 4.11 -22.30
C ILE B 144 17.63 2.60 -22.03
N PRO B 145 18.55 2.19 -21.12
CA PRO B 145 18.74 0.78 -20.76
C PRO B 145 17.68 0.19 -19.82
N LEU B 146 17.07 1.04 -18.99
CA LEU B 146 16.06 0.57 -18.06
C LEU B 146 14.93 1.61 -17.90
N ALA B 147 13.79 1.17 -17.37
CA ALA B 147 12.65 2.05 -17.15
C ALA B 147 11.63 1.40 -16.24
N LEU B 148 11.07 2.19 -15.33
CA LEU B 148 10.07 1.70 -14.40
C LEU B 148 8.68 2.08 -14.89
N GLY B 149 7.72 1.22 -14.58
CA GLY B 149 6.34 1.46 -14.95
C GLY B 149 5.54 0.71 -13.91
N THR B 150 4.26 0.51 -14.16
CA THR B 150 3.43 -0.22 -13.21
C THR B 150 2.39 -1.04 -13.95
N GLN B 151 1.72 -1.91 -13.22
CA GLN B 151 0.69 -2.76 -13.80
C GLN B 151 -0.41 -3.04 -12.79
N THR B 152 -1.63 -2.71 -13.19
CA THR B 152 -2.82 -2.94 -12.37
C THR B 152 -3.57 -4.05 -13.13
N GLY B 153 -3.55 -3.92 -14.46
CA GLY B 153 -4.16 -4.88 -15.35
C GLY B 153 -3.07 -5.51 -16.21
N GLY B 154 -2.49 -4.72 -17.11
CA GLY B 154 -1.42 -5.25 -17.97
C GLY B 154 -0.47 -4.17 -18.48
N SER B 155 -0.34 -3.08 -17.73
CA SER B 155 0.51 -1.96 -18.12
C SER B 155 2.01 -2.19 -18.28
N VAL B 156 2.50 -3.35 -17.85
CA VAL B 156 3.92 -3.62 -18.01
C VAL B 156 4.11 -4.57 -19.20
N ILE B 157 3.52 -5.75 -19.09
CA ILE B 157 3.64 -6.77 -20.13
C ILE B 157 3.13 -6.36 -21.53
N ARG B 158 1.89 -5.89 -21.62
CA ARG B 158 1.30 -5.50 -22.89
C ARG B 158 2.13 -4.47 -23.67
N PRO B 159 2.43 -3.30 -23.07
CA PRO B 159 3.23 -2.32 -23.81
C PRO B 159 4.63 -2.83 -24.15
N ALA B 160 5.17 -3.69 -23.29
CA ALA B 160 6.47 -4.28 -23.53
C ALA B 160 6.37 -5.11 -24.81
N ALA B 161 5.31 -5.90 -24.91
CA ALA B 161 5.07 -6.75 -26.07
C ALA B 161 4.95 -5.92 -27.34
N TYR B 162 4.09 -4.90 -27.29
CA TYR B 162 3.85 -4.00 -28.41
C TYR B 162 5.13 -3.33 -28.94
N CYS B 163 6.01 -2.93 -28.02
CA CYS B 163 7.26 -2.26 -28.38
C CYS B 163 8.43 -3.23 -28.51
N GLY B 164 8.16 -4.52 -28.35
CA GLY B 164 9.21 -5.51 -28.47
C GLY B 164 10.37 -5.42 -27.47
N THR B 165 10.07 -5.14 -26.20
CA THR B 165 11.13 -5.07 -25.20
C THR B 165 10.85 -6.09 -24.10
N ALA B 166 11.90 -6.45 -23.38
CA ALA B 166 11.75 -7.39 -22.28
C ALA B 166 11.21 -6.58 -21.12
N ALA B 167 10.46 -7.22 -20.25
CA ALA B 167 9.91 -6.53 -19.10
C ALA B 167 9.47 -7.56 -18.09
N ILE B 168 9.37 -7.13 -16.83
CA ILE B 168 8.94 -8.03 -15.79
C ILE B 168 8.08 -7.33 -14.76
N LYS B 169 6.98 -7.98 -14.41
CA LYS B 169 6.09 -7.50 -13.37
C LYS B 169 6.43 -8.50 -12.27
N PRO B 170 7.28 -8.08 -11.32
CA PRO B 170 7.69 -8.94 -10.20
C PRO B 170 6.54 -9.40 -9.31
N SER B 171 6.84 -10.32 -8.40
CA SER B 171 5.84 -10.83 -7.48
C SER B 171 5.22 -9.65 -6.73
N PHE B 172 3.91 -9.70 -6.55
CA PHE B 172 3.17 -8.64 -5.86
C PHE B 172 3.85 -8.20 -4.57
N ARG B 173 3.99 -6.89 -4.41
CA ARG B 173 4.58 -6.26 -3.24
C ARG B 173 6.06 -6.48 -2.96
N MET B 174 6.80 -7.00 -3.94
CA MET B 174 8.23 -7.17 -3.73
C MET B 174 8.83 -5.76 -3.80
N LEU B 175 8.33 -4.96 -4.74
CA LEU B 175 8.77 -3.59 -4.88
C LEU B 175 7.65 -2.73 -4.30
N PRO B 176 7.99 -1.90 -3.29
CA PRO B 176 7.02 -1.03 -2.63
C PRO B 176 6.28 -0.10 -3.57
N THR B 177 4.98 0.10 -3.31
CA THR B 177 4.17 0.99 -4.14
C THR B 177 4.02 2.36 -3.48
N VAL B 178 4.84 2.59 -2.47
CA VAL B 178 4.84 3.86 -1.75
C VAL B 178 5.30 4.94 -2.73
N GLY B 179 4.54 6.03 -2.81
CA GLY B 179 4.90 7.11 -3.72
C GLY B 179 4.47 6.83 -5.14
N VAL B 180 3.73 5.75 -5.34
CA VAL B 180 3.22 5.38 -6.65
C VAL B 180 1.72 5.63 -6.66
N LYS B 181 1.28 6.67 -7.36
CA LYS B 181 -0.13 7.02 -7.44
C LYS B 181 -0.98 5.76 -7.55
N CYS B 182 -1.86 5.56 -6.58
CA CYS B 182 -2.70 4.38 -6.54
C CYS B 182 -3.92 4.36 -7.44
N TYR B 183 -4.09 3.22 -8.09
CA TYR B 183 -5.22 2.94 -8.98
C TYR B 183 -6.01 1.94 -8.14
N SER B 184 -5.41 0.77 -7.90
CA SER B 184 -6.00 -0.30 -7.09
C SER B 184 -4.88 -0.87 -6.22
N TRP B 185 -4.97 -0.67 -4.90
CA TRP B 185 -3.94 -1.14 -3.99
C TRP B 185 -3.79 -2.65 -3.89
N ALA B 186 -4.81 -3.39 -4.29
CA ALA B 186 -4.74 -4.85 -4.23
C ALA B 186 -4.11 -5.39 -5.51
N LEU B 187 -3.96 -4.51 -6.50
CA LEU B 187 -3.40 -4.91 -7.78
C LEU B 187 -2.09 -4.21 -8.19
N ASP B 188 -2.03 -2.89 -8.03
CA ASP B 188 -0.85 -2.12 -8.42
C ASP B 188 0.49 -2.76 -8.07
N THR B 189 1.29 -3.04 -9.08
CA THR B 189 2.61 -3.64 -8.93
C THR B 189 3.62 -2.93 -9.83
N VAL B 190 4.74 -2.50 -9.26
CA VAL B 190 5.78 -1.82 -10.04
C VAL B 190 6.48 -2.84 -10.93
N GLY B 191 6.95 -2.40 -12.10
CA GLY B 191 7.64 -3.29 -13.03
C GLY B 191 8.81 -2.63 -13.73
N LEU B 192 9.62 -3.42 -14.43
CA LEU B 192 10.79 -2.89 -15.16
C LEU B 192 10.81 -3.26 -16.64
N PHE B 193 11.40 -2.38 -17.44
CA PHE B 193 11.55 -2.57 -18.87
C PHE B 193 13.05 -2.52 -19.20
N GLY B 194 13.49 -3.43 -20.06
CA GLY B 194 14.87 -3.49 -20.45
C GLY B 194 15.02 -4.18 -21.80
N ALA B 195 16.24 -4.24 -22.31
CA ALA B 195 16.49 -4.89 -23.59
C ALA B 195 16.14 -6.37 -23.50
N ARG B 196 16.86 -7.10 -22.66
CA ARG B 196 16.65 -8.53 -22.49
C ARG B 196 16.36 -8.91 -21.04
N ALA B 197 16.01 -10.18 -20.83
CA ALA B 197 15.71 -10.68 -19.48
C ALA B 197 16.87 -10.45 -18.53
N GLU B 198 18.09 -10.63 -19.02
CA GLU B 198 19.27 -10.45 -18.19
C GLU B 198 19.37 -9.04 -17.63
N ASP B 199 18.98 -8.05 -18.43
CA ASP B 199 19.06 -6.66 -17.98
C ASP B 199 18.07 -6.45 -16.84
N LEU B 200 16.98 -7.21 -16.86
CA LEU B 200 15.96 -7.13 -15.82
C LEU B 200 16.53 -7.68 -14.51
N ALA B 201 17.16 -8.85 -14.59
CA ALA B 201 17.77 -9.48 -13.42
C ALA B 201 18.71 -8.50 -12.73
N ARG B 202 19.64 -7.96 -13.51
CA ARG B 202 20.62 -7.01 -13.01
C ARG B 202 19.94 -5.78 -12.41
N GLY B 203 18.83 -5.37 -13.02
CA GLY B 203 18.10 -4.23 -12.52
C GLY B 203 17.51 -4.52 -11.15
N LEU B 204 16.91 -5.71 -11.01
CA LEU B 204 16.32 -6.10 -9.74
C LEU B 204 17.37 -6.36 -8.68
N LEU B 205 18.49 -6.98 -9.07
CA LEU B 205 19.54 -7.26 -8.10
C LEU B 205 20.04 -5.98 -7.45
N ALA B 206 20.39 -4.99 -8.27
CA ALA B 206 20.88 -3.71 -7.79
C ALA B 206 19.88 -2.95 -6.92
N MET B 207 18.60 -3.02 -7.28
CA MET B 207 17.54 -2.33 -6.55
C MET B 207 17.20 -2.99 -5.21
N THR B 208 17.06 -4.31 -5.22
CA THR B 208 16.68 -5.04 -4.02
C THR B 208 17.80 -5.65 -3.18
N GLY B 209 18.92 -5.98 -3.82
CA GLY B 209 20.03 -6.57 -3.10
C GLY B 209 19.74 -8.02 -2.71
N ARG B 210 18.75 -8.63 -3.37
CA ARG B 210 18.36 -10.01 -3.09
C ARG B 210 19.23 -10.98 -3.88
N SER B 211 19.88 -11.91 -3.18
CA SER B 211 20.78 -12.87 -3.83
C SER B 211 20.15 -13.71 -4.94
N GLU B 212 18.84 -13.92 -4.87
CA GLU B 212 18.16 -14.70 -5.91
C GLU B 212 18.37 -14.11 -7.29
N PHE B 213 18.61 -12.81 -7.36
CA PHE B 213 18.84 -12.15 -8.64
C PHE B 213 20.31 -12.13 -8.99
N SER B 214 21.15 -12.59 -8.07
CA SER B 214 22.58 -12.62 -8.31
C SER B 214 22.98 -13.93 -8.99
N GLY B 215 23.81 -13.82 -10.01
CA GLY B 215 24.26 -14.98 -10.73
C GLY B 215 23.21 -15.73 -11.53
N ILE B 216 22.19 -15.02 -12.00
CA ILE B 216 21.15 -15.69 -12.79
C ILE B 216 21.73 -16.09 -14.14
N VAL B 217 21.26 -17.20 -14.68
CA VAL B 217 21.74 -17.74 -15.94
C VAL B 217 20.58 -18.43 -16.65
N PRO B 218 20.68 -18.61 -17.99
CA PRO B 218 19.59 -19.27 -18.71
C PRO B 218 19.21 -20.64 -18.11
N ALA B 219 17.93 -20.98 -18.17
CA ALA B 219 17.45 -22.25 -17.63
C ALA B 219 17.73 -23.36 -18.64
N LYS B 220 17.69 -24.60 -18.16
CA LYS B 220 17.94 -25.77 -19.00
C LYS B 220 16.68 -26.63 -19.10
N ALA B 221 16.31 -27.00 -20.32
CA ALA B 221 15.13 -27.82 -20.59
C ALA B 221 14.04 -27.60 -19.55
N PRO B 222 13.43 -26.41 -19.55
CA PRO B 222 12.36 -26.08 -18.60
C PRO B 222 11.11 -26.90 -18.83
N ARG B 223 10.32 -27.04 -17.78
CA ARG B 223 9.05 -27.75 -17.87
C ARG B 223 8.02 -26.65 -18.07
N ILE B 224 7.64 -26.43 -19.32
CA ILE B 224 6.69 -25.37 -19.62
C ILE B 224 5.26 -25.85 -19.75
N GLY B 225 4.35 -25.05 -19.21
CA GLY B 225 2.94 -25.37 -19.26
C GLY B 225 2.24 -24.27 -20.04
N VAL B 226 1.70 -24.61 -21.19
CA VAL B 226 1.01 -23.63 -22.03
C VAL B 226 -0.46 -23.45 -21.68
N VAL B 227 -0.86 -22.19 -21.44
CA VAL B 227 -2.24 -21.85 -21.13
C VAL B 227 -2.65 -20.74 -22.10
N ARG B 228 -3.78 -20.90 -22.78
CA ARG B 228 -4.25 -19.91 -23.74
C ARG B 228 -5.34 -18.99 -23.21
N GLN B 229 -5.56 -19.04 -21.90
CA GLN B 229 -6.56 -18.18 -21.27
C GLN B 229 -7.86 -18.09 -22.08
N GLU B 230 -8.45 -19.24 -22.36
CA GLU B 230 -9.69 -19.32 -23.13
C GLU B 230 -10.80 -18.47 -22.54
N PHE B 231 -10.83 -18.36 -21.21
CA PHE B 231 -11.86 -17.55 -20.57
C PHE B 231 -11.86 -16.12 -21.09
N ALA B 232 -10.72 -15.68 -21.61
CA ALA B 232 -10.61 -14.33 -22.16
C ALA B 232 -10.90 -14.27 -23.66
N GLY B 233 -11.49 -15.34 -24.20
CA GLY B 233 -11.81 -15.38 -25.61
C GLY B 233 -10.59 -15.63 -26.48
N ALA B 234 -10.81 -15.83 -27.77
CA ALA B 234 -9.72 -16.10 -28.69
C ALA B 234 -8.91 -14.83 -28.93
N VAL B 235 -7.63 -15.03 -29.21
CA VAL B 235 -6.73 -13.93 -29.47
C VAL B 235 -6.68 -13.69 -30.97
N GLU B 236 -5.91 -12.69 -31.38
CA GLU B 236 -5.77 -12.38 -32.79
C GLU B 236 -4.67 -13.27 -33.36
N PRO B 237 -4.79 -13.62 -34.65
CA PRO B 237 -3.85 -14.47 -35.38
C PRO B 237 -2.38 -14.21 -35.06
N ALA B 238 -1.97 -12.95 -35.20
CA ALA B 238 -0.61 -12.53 -34.93
C ALA B 238 -0.11 -13.01 -33.56
N ALA B 239 -0.98 -12.96 -32.57
CA ALA B 239 -0.64 -13.39 -31.22
C ALA B 239 -0.44 -14.90 -31.14
N GLU B 240 -1.28 -15.66 -31.85
CA GLU B 240 -1.16 -17.11 -31.84
C GLU B 240 0.05 -17.56 -32.65
N GLN B 241 0.33 -16.82 -33.72
CA GLN B 241 1.48 -17.13 -34.57
C GLN B 241 2.75 -17.00 -33.75
N GLY B 242 2.77 -15.99 -32.88
CA GLY B 242 3.92 -15.74 -32.03
C GLY B 242 4.03 -16.77 -30.92
N LEU B 243 2.89 -17.29 -30.47
CA LEU B 243 2.90 -18.29 -29.41
C LEU B 243 3.41 -19.60 -29.98
N GLN B 244 2.89 -19.98 -31.15
CA GLN B 244 3.30 -21.23 -31.79
C GLN B 244 4.80 -21.21 -32.11
N ALA B 245 5.33 -20.03 -32.43
CA ALA B 245 6.75 -19.89 -32.74
C ALA B 245 7.62 -20.03 -31.49
N ALA B 246 7.06 -19.71 -30.32
CA ALA B 246 7.81 -19.83 -29.07
C ALA B 246 7.86 -21.28 -28.59
N ILE B 247 6.72 -21.97 -28.69
CA ILE B 247 6.65 -23.37 -28.30
C ILE B 247 7.65 -24.17 -29.12
N LYS B 248 7.63 -23.96 -30.43
CA LYS B 248 8.53 -24.64 -31.35
C LYS B 248 10.01 -24.37 -31.04
N ALA B 249 10.33 -23.11 -30.79
CA ALA B 249 11.70 -22.71 -30.48
C ALA B 249 12.18 -23.32 -29.17
N ALA B 250 11.27 -23.44 -28.20
CA ALA B 250 11.60 -24.01 -26.90
C ALA B 250 11.81 -25.52 -27.03
N GLU B 251 10.87 -26.18 -27.70
CA GLU B 251 10.97 -27.62 -27.91
C GLU B 251 12.31 -27.92 -28.58
N ARG B 252 12.51 -27.31 -29.74
CA ARG B 252 13.75 -27.52 -30.50
C ARG B 252 14.96 -27.15 -29.66
N ALA B 253 14.72 -26.46 -28.54
CA ALA B 253 15.81 -26.03 -27.66
C ALA B 253 15.98 -26.93 -26.43
N GLY B 254 15.17 -27.98 -26.34
CA GLY B 254 15.29 -28.90 -25.22
C GLY B 254 14.18 -28.86 -24.19
N ALA B 255 13.27 -27.90 -24.29
CA ALA B 255 12.19 -27.79 -23.34
C ALA B 255 11.03 -28.73 -23.65
N SER B 256 10.28 -29.09 -22.61
CA SER B 256 9.13 -29.97 -22.75
C SER B 256 7.88 -29.10 -22.56
N VAL B 257 7.07 -29.01 -23.62
CA VAL B 257 5.87 -28.19 -23.57
C VAL B 257 4.58 -29.00 -23.59
N GLN B 258 3.69 -28.70 -22.65
CA GLN B 258 2.41 -29.38 -22.54
C GLN B 258 1.28 -28.37 -22.34
N ALA B 259 0.21 -28.50 -23.11
CA ALA B 259 -0.94 -27.62 -22.98
C ALA B 259 -1.61 -27.95 -21.65
N ILE B 260 -2.09 -26.92 -20.95
CA ILE B 260 -2.73 -27.12 -19.67
C ILE B 260 -4.00 -26.29 -19.51
N ASP B 261 -4.91 -26.79 -18.67
CA ASP B 261 -6.15 -26.10 -18.37
C ASP B 261 -5.94 -25.44 -17.02
N LEU B 262 -6.50 -24.25 -16.87
CA LEU B 262 -6.39 -23.53 -15.60
C LEU B 262 -7.61 -23.86 -14.77
N PRO B 263 -7.42 -24.12 -13.47
CA PRO B 263 -8.52 -24.46 -12.57
C PRO B 263 -9.69 -23.48 -12.66
N GLU B 264 -10.91 -24.00 -12.63
CA GLU B 264 -12.10 -23.17 -12.71
C GLU B 264 -12.01 -21.96 -11.75
N ALA B 265 -11.39 -22.18 -10.59
CA ALA B 265 -11.24 -21.11 -9.61
C ALA B 265 -10.44 -19.96 -10.17
N VAL B 266 -9.46 -20.27 -11.01
CA VAL B 266 -8.61 -19.26 -11.64
C VAL B 266 -9.39 -18.48 -12.71
N HIS B 267 -10.25 -19.18 -13.46
CA HIS B 267 -11.06 -18.53 -14.48
C HIS B 267 -11.94 -17.48 -13.82
N GLU B 268 -12.50 -17.84 -12.66
CA GLU B 268 -13.37 -16.94 -11.92
C GLU B 268 -12.60 -15.70 -11.45
N ALA B 269 -11.33 -15.88 -11.12
CA ALA B 269 -10.49 -14.78 -10.66
C ALA B 269 -10.33 -13.75 -11.77
N TRP B 270 -10.07 -14.23 -12.99
CA TRP B 270 -9.94 -13.34 -14.14
C TRP B 270 -11.22 -12.53 -14.29
N ARG B 271 -12.35 -13.19 -14.08
CA ARG B 271 -13.67 -12.57 -14.21
C ARG B 271 -13.94 -11.43 -13.22
N ILE B 272 -13.53 -11.60 -11.97
CA ILE B 272 -13.78 -10.56 -10.96
C ILE B 272 -12.66 -9.55 -10.77
N HIS B 273 -11.64 -9.62 -11.61
CA HIS B 273 -10.53 -8.66 -11.53
C HIS B 273 -11.09 -7.24 -11.63
N PRO B 274 -12.00 -6.98 -12.58
CA PRO B 274 -12.61 -5.67 -12.78
C PRO B 274 -13.36 -5.12 -11.57
N ILE B 275 -13.96 -6.01 -10.79
CA ILE B 275 -14.72 -5.59 -9.61
C ILE B 275 -13.75 -5.08 -8.53
N ILE B 276 -12.68 -5.83 -8.29
CA ILE B 276 -11.70 -5.41 -7.31
C ILE B 276 -11.08 -4.10 -7.79
N GLN B 277 -10.62 -4.10 -9.04
CA GLN B 277 -9.98 -2.94 -9.65
C GLN B 277 -10.78 -1.64 -9.60
N ASP B 278 -11.98 -1.66 -10.18
CA ASP B 278 -12.82 -0.47 -10.23
C ASP B 278 -13.41 -0.05 -8.89
N PHE B 279 -13.61 -1.00 -7.99
CA PHE B 279 -14.17 -0.65 -6.70
C PHE B 279 -13.13 0.15 -5.93
N GLU B 280 -11.92 -0.39 -5.85
CA GLU B 280 -10.85 0.27 -5.14
C GLU B 280 -10.53 1.58 -5.84
N ALA B 281 -10.64 1.57 -7.16
CA ALA B 281 -10.36 2.75 -7.96
C ALA B 281 -11.16 3.91 -7.39
N HIS B 282 -12.45 3.67 -7.16
CA HIS B 282 -13.32 4.70 -6.62
C HIS B 282 -12.84 5.27 -5.28
N ARG B 283 -12.20 4.46 -4.43
CA ARG B 283 -11.71 5.01 -3.17
C ARG B 283 -10.41 5.77 -3.41
N ALA B 284 -9.52 5.18 -4.20
CA ALA B 284 -8.20 5.75 -4.50
C ALA B 284 -8.22 7.08 -5.23
N LEU B 285 -9.28 7.34 -5.99
CA LEU B 285 -9.38 8.59 -6.72
C LEU B 285 -10.60 9.39 -6.26
N ALA B 286 -10.97 9.20 -4.99
CA ALA B 286 -12.12 9.89 -4.43
C ALA B 286 -12.00 11.42 -4.51
N TRP B 287 -10.80 11.95 -4.33
CA TRP B 287 -10.62 13.40 -4.41
C TRP B 287 -10.81 13.87 -5.85
N GLU B 288 -10.19 13.16 -6.79
CA GLU B 288 -10.28 13.49 -8.20
C GLU B 288 -11.72 13.45 -8.70
N PHE B 289 -12.37 12.31 -8.51
CA PHE B 289 -13.74 12.07 -8.93
C PHE B 289 -14.76 13.03 -8.33
N SER B 290 -14.59 13.36 -7.04
CA SER B 290 -15.49 14.27 -6.35
C SER B 290 -15.23 15.76 -6.59
N GLU B 291 -13.94 16.14 -6.57
CA GLU B 291 -13.55 17.54 -6.74
C GLU B 291 -13.22 17.99 -8.17
N HIS B 292 -12.79 17.06 -9.01
CA HIS B 292 -12.40 17.40 -10.38
C HIS B 292 -12.91 16.40 -11.39
N HIS B 293 -14.17 16.02 -11.23
CA HIS B 293 -14.82 15.05 -12.09
C HIS B 293 -14.62 15.32 -13.58
N ASP B 294 -15.07 16.48 -14.03
CA ASP B 294 -14.97 16.82 -15.45
C ASP B 294 -13.55 16.94 -16.00
N GLU B 295 -12.57 17.15 -15.13
CA GLU B 295 -11.19 17.29 -15.57
C GLU B 295 -10.53 15.94 -15.76
N ILE B 296 -11.21 14.88 -15.37
CA ILE B 296 -10.67 13.52 -15.51
C ILE B 296 -10.80 13.10 -16.97
N ALA B 297 -9.74 12.54 -17.53
CA ALA B 297 -9.74 12.09 -18.93
C ALA B 297 -11.04 11.34 -19.21
N PRO B 298 -11.62 11.55 -20.39
CA PRO B 298 -12.88 10.95 -20.87
C PRO B 298 -13.13 9.48 -20.56
N MET B 299 -12.25 8.61 -21.04
CA MET B 299 -12.42 7.19 -20.84
C MET B 299 -12.45 6.76 -19.38
N LEU B 300 -11.53 7.26 -18.57
CA LEU B 300 -11.50 6.89 -17.17
C LEU B 300 -12.74 7.47 -16.50
N ARG B 301 -13.10 8.68 -16.89
CA ARG B 301 -14.28 9.34 -16.32
C ARG B 301 -15.52 8.50 -16.58
N ALA B 302 -15.59 7.91 -17.77
CA ALA B 302 -16.74 7.09 -18.14
C ALA B 302 -16.78 5.77 -17.38
N SER B 303 -15.63 5.11 -17.23
CA SER B 303 -15.60 3.84 -16.52
C SER B 303 -15.90 4.03 -15.05
N LEU B 304 -15.44 5.15 -14.49
CA LEU B 304 -15.70 5.45 -13.08
C LEU B 304 -17.19 5.74 -12.92
N ASP B 305 -17.70 6.66 -13.73
CA ASP B 305 -19.12 7.03 -13.69
C ASP B 305 -20.01 5.81 -13.79
N ALA B 306 -19.50 4.75 -14.42
CA ALA B 306 -20.27 3.53 -14.61
C ALA B 306 -20.16 2.51 -13.45
N THR B 307 -19.12 2.64 -12.64
CA THR B 307 -18.90 1.73 -11.51
C THR B 307 -19.22 2.33 -10.15
N VAL B 308 -19.79 3.53 -10.16
CA VAL B 308 -20.17 4.21 -8.94
C VAL B 308 -20.97 3.33 -7.97
N GLY B 309 -21.80 2.45 -8.54
CA GLY B 309 -22.64 1.59 -7.72
C GLY B 309 -22.10 0.30 -7.14
N LEU B 310 -20.88 -0.10 -7.51
CA LEU B 310 -20.31 -1.33 -6.96
C LEU B 310 -20.40 -1.28 -5.44
N THR B 311 -20.77 -2.39 -4.82
CA THR B 311 -20.92 -2.45 -3.37
C THR B 311 -19.76 -3.11 -2.65
N PRO B 312 -19.64 -2.84 -1.33
CA PRO B 312 -18.56 -3.46 -0.57
C PRO B 312 -18.81 -4.97 -0.58
N LYS B 313 -20.08 -5.35 -0.60
CA LYS B 313 -20.48 -6.75 -0.61
C LYS B 313 -19.92 -7.51 -1.82
N GLU B 314 -20.22 -7.05 -3.03
CA GLU B 314 -19.71 -7.74 -4.19
C GLU B 314 -18.20 -7.62 -4.27
N TYR B 315 -17.65 -6.59 -3.62
CA TYR B 315 -16.20 -6.38 -3.59
C TYR B 315 -15.55 -7.44 -2.70
N ASP B 316 -16.08 -7.62 -1.49
CA ASP B 316 -15.54 -8.62 -0.58
C ASP B 316 -15.64 -9.98 -1.25
N GLU B 317 -16.78 -10.22 -1.90
CA GLU B 317 -17.02 -11.47 -2.58
C GLU B 317 -16.01 -11.72 -3.69
N ALA B 318 -15.59 -10.64 -4.35
CA ALA B 318 -14.62 -10.74 -5.44
C ALA B 318 -13.25 -11.12 -4.87
N ARG B 319 -12.86 -10.44 -3.78
CA ARG B 319 -11.57 -10.71 -3.16
C ARG B 319 -11.50 -12.16 -2.70
N ARG B 320 -12.59 -12.66 -2.13
CA ARG B 320 -12.68 -14.03 -1.66
C ARG B 320 -12.40 -14.97 -2.83
N ILE B 321 -12.93 -14.64 -3.99
CA ILE B 321 -12.71 -15.43 -5.20
C ILE B 321 -11.25 -15.32 -5.63
N GLY B 322 -10.67 -14.14 -5.46
CA GLY B 322 -9.28 -13.95 -5.82
C GLY B 322 -8.34 -14.83 -5.02
N ARG B 323 -8.60 -14.94 -3.72
CA ARG B 323 -7.76 -15.77 -2.84
C ARG B 323 -7.82 -17.24 -3.19
N ARG B 324 -9.00 -17.73 -3.57
CA ARG B 324 -9.15 -19.12 -3.92
C ARG B 324 -8.38 -19.39 -5.21
N GLY B 325 -8.46 -18.45 -6.14
CA GLY B 325 -7.76 -18.60 -7.39
C GLY B 325 -6.27 -18.72 -7.13
N ARG B 326 -5.77 -17.97 -6.16
CA ARG B 326 -4.34 -18.01 -5.83
C ARG B 326 -3.91 -19.37 -5.31
N ARG B 327 -4.61 -19.90 -4.31
CA ARG B 327 -4.27 -21.20 -3.73
C ARG B 327 -4.21 -22.29 -4.81
N GLU B 328 -5.29 -22.40 -5.58
CA GLU B 328 -5.35 -23.42 -6.62
C GLU B 328 -4.36 -23.19 -7.77
N LEU B 329 -4.01 -21.94 -8.03
CA LEU B 329 -3.04 -21.67 -9.09
C LEU B 329 -1.71 -22.27 -8.65
N GLY B 330 -1.39 -22.13 -7.37
CA GLY B 330 -0.15 -22.67 -6.86
C GLY B 330 -0.07 -24.15 -7.15
N GLU B 331 -1.23 -24.80 -7.18
CA GLU B 331 -1.29 -26.23 -7.48
C GLU B 331 -0.73 -26.52 -8.86
N VAL B 332 -1.11 -25.69 -9.84
CA VAL B 332 -0.66 -25.86 -11.21
C VAL B 332 0.87 -25.94 -11.36
N PHE B 333 1.59 -25.23 -10.50
CA PHE B 333 3.05 -25.22 -10.57
C PHE B 333 3.69 -26.40 -9.86
N GLU B 334 2.91 -27.43 -9.59
CA GLU B 334 3.46 -28.59 -8.92
C GLU B 334 3.95 -29.61 -9.96
N GLY B 335 3.66 -29.33 -11.23
CA GLY B 335 4.08 -30.22 -12.29
C GLY B 335 4.75 -29.47 -13.42
N VAL B 336 4.80 -28.15 -13.30
CA VAL B 336 5.41 -27.30 -14.30
C VAL B 336 6.22 -26.19 -13.63
N ASP B 337 7.30 -25.75 -14.26
CA ASP B 337 8.16 -24.69 -13.69
C ASP B 337 7.64 -23.29 -14.02
N VAL B 338 7.11 -23.13 -15.24
CA VAL B 338 6.60 -21.85 -15.68
C VAL B 338 5.41 -22.02 -16.60
N LEU B 339 4.64 -20.95 -16.77
CA LEU B 339 3.50 -20.97 -17.65
C LEU B 339 3.85 -20.13 -18.87
N LEU B 340 3.38 -20.55 -20.04
CA LEU B 340 3.63 -19.82 -21.26
C LEU B 340 2.29 -19.39 -21.84
N THR B 341 2.12 -18.10 -22.05
CA THR B 341 0.86 -17.58 -22.57
C THR B 341 1.05 -16.32 -23.42
N TYR B 342 -0.06 -15.67 -23.75
CA TYR B 342 -0.04 -14.45 -24.57
C TYR B 342 0.33 -13.20 -23.76
N SER B 343 0.99 -12.25 -24.41
CA SER B 343 1.35 -11.00 -23.75
C SER B 343 0.32 -9.93 -24.07
N ALA B 344 -0.36 -10.09 -25.20
CA ALA B 344 -1.38 -9.13 -25.64
C ALA B 344 -2.32 -9.78 -26.66
N PRO B 345 -3.48 -9.16 -26.94
CA PRO B 345 -4.44 -9.70 -27.90
C PRO B 345 -3.86 -9.84 -29.32
N GLY B 346 -2.75 -9.13 -29.57
CA GLY B 346 -2.13 -9.18 -30.88
C GLY B 346 -1.18 -8.01 -31.03
N THR B 347 -0.93 -7.59 -32.26
CA THR B 347 -0.05 -6.46 -32.51
C THR B 347 -0.71 -5.17 -32.02
N ALA B 348 0.12 -4.15 -31.80
CA ALA B 348 -0.35 -2.84 -31.31
C ALA B 348 -1.39 -2.20 -32.23
N PRO B 349 -2.51 -1.72 -31.67
CA PRO B 349 -3.57 -1.09 -32.47
C PRO B 349 -3.09 0.21 -33.09
N ALA B 350 -3.72 0.59 -34.20
CA ALA B 350 -3.38 1.85 -34.86
C ALA B 350 -3.85 2.96 -33.95
N LYS B 351 -3.08 4.04 -33.84
CA LYS B 351 -3.45 5.17 -32.98
C LYS B 351 -4.87 5.61 -33.26
N ALA B 352 -5.28 5.49 -34.51
CA ALA B 352 -6.62 5.90 -34.93
C ALA B 352 -7.73 5.23 -34.11
N LEU B 353 -7.40 4.11 -33.47
CA LEU B 353 -8.40 3.42 -32.66
C LEU B 353 -8.50 3.97 -31.23
N ALA B 354 -7.69 4.98 -30.92
CA ALA B 354 -7.72 5.59 -29.60
C ALA B 354 -7.81 4.52 -28.51
N SER B 355 -6.93 3.52 -28.62
CA SER B 355 -6.90 2.42 -27.66
C SER B 355 -5.49 1.94 -27.37
N THR B 356 -5.16 1.77 -26.10
CA THR B 356 -3.85 1.29 -25.71
C THR B 356 -3.81 -0.23 -25.75
N GLY B 357 -4.94 -0.83 -26.12
CA GLY B 357 -5.02 -2.27 -26.19
C GLY B 357 -5.75 -2.86 -24.98
N ASP B 358 -6.42 -3.97 -25.22
CA ASP B 358 -7.18 -4.66 -24.19
C ASP B 358 -6.25 -5.45 -23.27
N PRO B 359 -6.34 -5.23 -21.94
CA PRO B 359 -5.49 -5.92 -20.97
C PRO B 359 -6.00 -7.31 -20.56
N ARG B 360 -7.11 -7.76 -21.16
CA ARG B 360 -7.72 -9.04 -20.82
C ARG B 360 -6.80 -10.26 -20.67
N TYR B 361 -5.66 -10.29 -21.36
CA TYR B 361 -4.73 -11.42 -21.21
C TYR B 361 -3.60 -11.07 -20.25
N ASN B 362 -3.82 -10.07 -19.40
CA ASN B 362 -2.81 -9.64 -18.43
C ASN B 362 -3.33 -9.58 -17.00
N ARG B 363 -4.57 -9.09 -16.86
CA ARG B 363 -5.20 -8.88 -15.56
C ARG B 363 -5.19 -10.02 -14.54
N LEU B 364 -5.50 -11.24 -14.96
CA LEU B 364 -5.49 -12.36 -14.05
C LEU B 364 -4.20 -12.41 -13.25
N TRP B 365 -3.09 -12.54 -13.97
CA TRP B 365 -1.76 -12.64 -13.38
C TRP B 365 -1.40 -11.52 -12.41
N THR B 366 -1.92 -10.33 -12.65
CA THR B 366 -1.64 -9.22 -11.75
C THR B 366 -2.36 -9.43 -10.43
N LEU B 367 -3.55 -10.04 -10.49
CA LEU B 367 -4.33 -10.33 -9.30
C LEU B 367 -3.66 -11.50 -8.53
N MET B 368 -3.24 -12.52 -9.26
CA MET B 368 -2.59 -13.67 -8.64
C MET B 368 -1.26 -13.24 -8.01
N GLY B 369 -0.60 -12.24 -8.59
CA GLY B 369 0.64 -11.74 -8.04
C GLY B 369 1.92 -12.35 -8.59
N ASN B 370 1.78 -13.40 -9.38
CA ASN B 370 2.92 -14.10 -9.96
C ASN B 370 3.82 -13.20 -10.79
N PRO B 371 5.10 -13.55 -10.90
CA PRO B 371 6.04 -12.75 -11.69
C PRO B 371 5.82 -13.11 -13.16
N CYS B 372 5.73 -12.11 -14.02
CA CYS B 372 5.51 -12.34 -15.44
C CYS B 372 6.62 -11.68 -16.22
N VAL B 373 7.07 -12.33 -17.29
CA VAL B 373 8.15 -11.75 -18.10
C VAL B 373 7.80 -11.75 -19.58
N ASN B 374 7.87 -10.58 -20.22
CA ASN B 374 7.57 -10.52 -21.63
C ASN B 374 8.80 -10.91 -22.44
N VAL B 375 8.60 -11.82 -23.38
CA VAL B 375 9.68 -12.25 -24.25
C VAL B 375 9.32 -11.94 -25.70
N PRO B 376 10.08 -11.04 -26.35
CA PRO B 376 9.85 -10.66 -27.74
C PRO B 376 10.05 -11.89 -28.62
N VAL B 377 9.00 -12.30 -29.34
CA VAL B 377 9.09 -13.47 -30.22
C VAL B 377 9.40 -13.07 -31.65
N LEU B 378 8.40 -12.51 -32.34
CA LEU B 378 8.62 -12.07 -33.72
C LEU B 378 7.83 -10.81 -34.03
N LYS B 379 7.66 -10.55 -35.33
CA LYS B 379 6.94 -9.37 -35.78
C LYS B 379 6.08 -9.68 -36.98
N VAL B 380 4.88 -9.13 -36.98
CA VAL B 380 3.94 -9.29 -38.09
C VAL B 380 3.69 -7.88 -38.62
N GLY B 381 3.98 -7.67 -39.90
CA GLY B 381 3.78 -6.36 -40.49
C GLY B 381 4.69 -5.33 -39.85
N GLY B 382 5.78 -5.80 -39.24
CA GLY B 382 6.71 -4.91 -38.60
C GLY B 382 6.38 -4.65 -37.14
N LEU B 383 5.17 -5.02 -36.73
CA LEU B 383 4.73 -4.83 -35.35
C LEU B 383 5.08 -6.02 -34.48
N PRO B 384 5.82 -5.77 -33.39
CA PRO B 384 6.26 -6.80 -32.44
C PRO B 384 5.18 -7.65 -31.78
N ILE B 385 5.55 -8.89 -31.50
CA ILE B 385 4.68 -9.86 -30.84
C ILE B 385 5.55 -10.56 -29.80
N GLY B 386 5.01 -10.76 -28.61
CA GLY B 386 5.77 -11.41 -27.58
C GLY B 386 4.93 -12.44 -26.85
N VAL B 387 5.55 -13.16 -25.93
CA VAL B 387 4.88 -14.17 -25.12
C VAL B 387 5.19 -13.87 -23.67
N GLN B 388 4.38 -14.41 -22.77
CA GLN B 388 4.52 -14.16 -21.35
C GLN B 388 4.93 -15.39 -20.54
N VAL B 389 6.09 -15.29 -19.88
CA VAL B 389 6.63 -16.37 -19.06
C VAL B 389 6.23 -16.13 -17.60
N ILE B 390 5.49 -17.06 -17.02
CA ILE B 390 5.03 -16.90 -15.65
C ILE B 390 5.44 -18.03 -14.70
N ALA B 391 6.06 -17.67 -13.58
CA ALA B 391 6.50 -18.64 -12.59
C ALA B 391 5.65 -18.47 -11.33
N ARG B 392 5.85 -19.35 -10.35
CA ARG B 392 5.09 -19.24 -9.12
C ARG B 392 5.42 -17.95 -8.39
N PHE B 393 4.55 -17.57 -7.48
CA PHE B 393 4.74 -16.37 -6.68
C PHE B 393 6.09 -16.51 -5.95
N GLY B 394 6.94 -15.50 -6.10
CA GLY B 394 8.22 -15.53 -5.44
C GLY B 394 9.34 -16.20 -6.23
N ASN B 395 9.05 -16.59 -7.46
CA ASN B 395 10.04 -17.25 -8.31
C ASN B 395 10.42 -16.40 -9.52
N ASP B 396 10.65 -15.11 -9.24
CA ASP B 396 11.02 -14.15 -10.27
C ASP B 396 12.32 -14.59 -10.93
N ALA B 397 13.27 -15.04 -10.12
CA ALA B 397 14.56 -15.47 -10.63
C ALA B 397 14.40 -16.57 -11.67
N HIS B 398 13.51 -17.52 -11.42
CA HIS B 398 13.31 -18.61 -12.36
C HIS B 398 12.56 -18.15 -13.61
N ALA B 399 11.64 -17.19 -13.43
CA ALA B 399 10.87 -16.65 -14.54
C ALA B 399 11.82 -15.94 -15.50
N LEU B 400 12.82 -15.27 -14.94
CA LEU B 400 13.81 -14.56 -15.74
C LEU B 400 14.75 -15.53 -16.43
N ALA B 401 15.05 -16.65 -15.76
CA ALA B 401 15.95 -17.66 -16.31
C ALA B 401 15.29 -18.36 -17.49
N THR B 402 14.01 -18.67 -17.36
CA THR B 402 13.29 -19.33 -18.45
C THR B 402 13.10 -18.35 -19.61
N ALA B 403 12.94 -17.06 -19.27
CA ALA B 403 12.78 -16.04 -20.30
C ALA B 403 14.09 -15.93 -21.08
N TRP B 404 15.20 -15.87 -20.35
CA TRP B 404 16.52 -15.77 -20.95
C TRP B 404 16.72 -16.99 -21.85
N PHE B 405 16.24 -18.14 -21.37
CA PHE B 405 16.34 -19.39 -22.11
C PHE B 405 15.59 -19.29 -23.42
N LEU B 406 14.35 -18.83 -23.33
CA LEU B 406 13.48 -18.70 -24.48
C LEU B 406 14.06 -17.70 -25.49
N GLU B 407 14.71 -16.65 -24.98
CA GLU B 407 15.33 -15.65 -25.83
C GLU B 407 16.41 -16.33 -26.67
N ASP B 408 17.26 -17.12 -26.01
CA ASP B 408 18.32 -17.83 -26.73
C ASP B 408 17.71 -18.82 -27.70
N ALA B 409 16.68 -19.53 -27.26
CA ALA B 409 16.02 -20.52 -28.11
C ALA B 409 15.50 -19.90 -29.41
N LEU B 410 15.05 -18.66 -29.33
CA LEU B 410 14.52 -17.95 -30.50
C LEU B 410 15.65 -17.40 -31.37
N ALA B 411 16.84 -17.31 -30.80
CA ALA B 411 18.00 -16.81 -31.53
C ALA B 411 18.63 -17.94 -32.34
N LYS B 412 18.16 -19.16 -32.08
CA LYS B 412 18.64 -20.35 -32.78
C LYS B 412 20.16 -20.50 -32.70
C1 MLM C . 3.98 3.09 18.26
O1 MLM C . 4.40 4.19 18.87
O2 MLM C . 3.22 2.33 18.74
C2 MLM C . 4.59 2.95 16.85
C3 MLM C . 3.61 2.97 15.67
O3 MLM C . 2.67 2.20 15.65
N6 MLM C . 3.82 3.88 14.69
C1 MLM D . -3.82 -1.31 -18.54
O1 MLM D . -3.99 -0.43 -19.54
O2 MLM D . -3.35 -2.39 -18.70
C2 MLM D . -4.29 -0.75 -17.19
C3 MLM D . -3.28 -0.75 -16.05
O3 MLM D . -2.76 -1.80 -15.70
N6 MLM D . -2.96 0.42 -15.46
#